data_8GNI
#
_entry.id   8GNI
#
_cell.length_a   1.00
_cell.length_b   1.00
_cell.length_c   1.00
_cell.angle_alpha   90.00
_cell.angle_beta   90.00
_cell.angle_gamma   90.00
#
_symmetry.space_group_name_H-M   'P 1'
#
loop_
_entity.id
_entity.type
_entity.pdbx_description
1 polymer 'NAD(+) hydrolase SARM1'
2 polymer 'Nanobody C6'
3 non-polymer 'BETA-NICOTINAMIDE RIBOSE MONOPHOSPHATE'
#
loop_
_entity_poly.entity_id
_entity_poly.type
_entity_poly.pdbx_seq_one_letter_code
_entity_poly.pdbx_strand_id
1 'polypeptide(L)'
;MVLTLLLSAYKLCRFFAMSGPRPGAERLAVPGPDGGGGTGPWWAAGGRGPREVSPGAGTEVQDALERALPELQQALSALK
QAGGARAVGAGLAEVFQLVEEAWLLPAVGREVAQGLCDAIRLDGGLDLLLRLLQAPELETRVQAARLLEQILVAENRDRV
ARIGLGVILNLAKEREPVELARSVAGILEHMFKHSEETCQRLVAAGGLDAVLYWCRRTDPALLRHCALALGNCALHGGQA
VQRRMVEKRAAEWLFPLAFSKEDELLRLHACLAVAVLATNKEVEREVERSGTLALVEPLVASLDPGRFARCLVDASDTSQ
GRGPDDLQRLVPLLDSNRLEAQCIGAFYLCAEAAIKSLQGKTKVFSDIGAIQSLKRLVSYSTNGTKSALAKRALRLLGEE
VPRPILPSVPSWKEAEVQTWLQQIGFSKYCESFREQQVDGDLLLRLTEEELQTDLGMKSGITRKRFFRELTELKTFANYS
TCDRSNLADWLGSLDPRFRQYTYGLVSCGLDRSLLHRVSEQQLLEDCGIHLGVHRARILTAAREMLHSPLPCTGGKPSGD
TPDVFISYRRNSGSQLASLLKVHLQLHGFSVFIDVEKLEAGKFEDKLIQSVMGARNFVLVLSPGALDKCMQDHDCKDWVH
KEIVTALSCGKNIVPIIDGFEWPEPQVLPEDMQAVLTFNGIKWSHEYQEATIEKIIRFLQGRSSRDSSAGSDTSLEGAAP
MGPT
;
A,B
2 'polypeptide(L)'
;MAVQLVESGGGLVQPGGSLRLSCAASVSISRIYVMAWYRQAPGKQREVVAVIRYDGTTNYPDSVKGRFTISRDNAKNTVY
LQMNSLKPEDTAVYYCNANVETWGQGTQVTVSSHHHHHH
;
C
#
loop_
_chem_comp.id
_chem_comp.type
_chem_comp.name
_chem_comp.formula
NMN non-polymer 'BETA-NICOTINAMIDE RIBOSE MONOPHOSPHATE' 'C11 H16 N2 O8 P 1'
#
# COMPACT_ATOMS: atom_id res chain seq x y z
N GLY A 58 -22.46 18.88 21.42
CA GLY A 58 -23.47 18.94 22.47
C GLY A 58 -24.87 19.19 21.95
N THR A 59 -25.14 20.43 21.51
CA THR A 59 -26.48 20.80 21.09
C THR A 59 -26.87 20.08 19.80
N GLU A 60 -25.96 19.98 18.83
CA GLU A 60 -26.25 19.24 17.61
C GLU A 60 -26.50 17.77 17.89
N VAL A 61 -25.74 17.22 18.84
CA VAL A 61 -25.88 15.82 19.27
C VAL A 61 -27.28 15.49 19.75
N GLN A 62 -27.98 16.43 20.38
CA GLN A 62 -29.28 16.07 20.95
C GLN A 62 -30.37 15.97 19.89
N ASP A 63 -30.38 16.90 18.92
CA ASP A 63 -31.36 16.93 17.84
C ASP A 63 -31.43 15.61 17.08
N ALA A 64 -30.34 14.86 17.01
CA ALA A 64 -30.39 13.56 16.35
C ALA A 64 -31.29 12.58 17.10
N LEU A 65 -30.89 12.22 18.33
CA LEU A 65 -31.70 11.32 19.14
C LEU A 65 -33.05 11.87 19.61
N GLU A 66 -33.35 13.17 19.48
CA GLU A 66 -34.68 13.62 19.88
C GLU A 66 -35.73 12.95 19.00
N ARG A 67 -35.47 12.89 17.70
CA ARG A 67 -36.36 12.17 16.81
C ARG A 67 -36.00 10.69 16.85
N ALA A 68 -34.74 10.35 16.52
CA ALA A 68 -34.20 8.98 16.53
C ALA A 68 -34.70 8.07 17.66
N LEU A 69 -34.56 8.51 18.93
CA LEU A 69 -34.85 7.66 20.09
C LEU A 69 -36.31 7.21 20.16
N PRO A 70 -37.32 8.08 20.30
CA PRO A 70 -38.70 7.54 20.32
C PRO A 70 -39.13 6.97 18.99
N GLU A 71 -38.42 7.26 17.90
CA GLU A 71 -38.73 6.66 16.61
C GLU A 71 -38.04 5.31 16.50
N LEU A 72 -36.89 5.14 17.17
CA LEU A 72 -36.32 3.80 17.17
C LEU A 72 -37.12 2.96 18.14
N GLN A 73 -37.82 3.60 19.09
CA GLN A 73 -38.69 2.83 19.96
C GLN A 73 -39.90 2.37 19.16
N GLN A 74 -40.42 3.30 18.37
CA GLN A 74 -41.47 3.01 17.36
C GLN A 74 -41.06 1.73 16.64
N ALA A 75 -39.85 1.73 16.08
CA ALA A 75 -39.29 0.56 15.42
C ALA A 75 -39.43 -0.68 16.29
N LEU A 76 -38.81 -0.68 17.49
CA LEU A 76 -38.91 -1.79 18.47
C LEU A 76 -40.34 -2.34 18.57
N SER A 77 -41.28 -1.41 18.78
CA SER A 77 -42.71 -1.66 18.85
C SER A 77 -43.14 -2.51 17.67
N ALA A 78 -42.81 -2.03 16.47
CA ALA A 78 -43.29 -2.64 15.21
C ALA A 78 -42.57 -3.96 14.95
N LEU A 79 -41.29 -4.04 15.33
CA LEU A 79 -40.56 -5.32 15.18
C LEU A 79 -41.35 -6.39 15.93
N LYS A 80 -41.57 -6.16 17.21
CA LYS A 80 -42.04 -7.17 18.14
C LYS A 80 -43.58 -7.23 18.16
N GLN A 81 -44.25 -6.34 17.43
CA GLN A 81 -45.71 -6.41 17.23
C GLN A 81 -45.88 -6.92 15.80
N ALA A 82 -46.27 -8.17 15.63
CA ALA A 82 -46.25 -8.80 14.32
C ALA A 82 -47.67 -9.09 13.83
N GLY A 83 -48.00 -8.49 12.69
CA GLY A 83 -49.25 -8.69 11.98
C GLY A 83 -48.94 -9.44 10.71
N GLY A 84 -47.95 -10.33 10.81
CA GLY A 84 -47.43 -11.08 9.68
C GLY A 84 -46.97 -10.22 8.52
N ALA A 85 -47.29 -10.66 7.31
CA ALA A 85 -46.66 -10.08 6.12
C ALA A 85 -47.23 -8.72 5.74
N ARG A 86 -48.51 -8.49 6.01
CA ARG A 86 -49.13 -7.21 5.67
C ARG A 86 -48.64 -6.06 6.54
N ALA A 87 -48.31 -6.30 7.82
CA ALA A 87 -47.89 -5.18 8.67
C ALA A 87 -46.40 -5.10 8.98
N VAL A 88 -45.65 -6.21 8.92
CA VAL A 88 -44.20 -6.13 9.10
C VAL A 88 -43.59 -5.36 7.92
N GLY A 89 -44.19 -5.50 6.73
CA GLY A 89 -43.70 -4.84 5.53
C GLY A 89 -43.63 -3.34 5.70
N ALA A 90 -44.75 -2.73 6.13
CA ALA A 90 -44.82 -1.29 6.26
C ALA A 90 -43.83 -0.82 7.30
N GLY A 91 -43.76 -1.54 8.43
CA GLY A 91 -42.84 -1.18 9.49
C GLY A 91 -41.40 -1.16 9.01
N LEU A 92 -41.02 -2.18 8.23
CA LEU A 92 -39.69 -2.22 7.67
C LEU A 92 -39.45 -1.08 6.68
N ALA A 93 -40.46 -0.71 5.89
CA ALA A 93 -40.27 0.44 5.02
C ALA A 93 -40.15 1.76 5.79
N GLU A 94 -41.02 2.00 6.79
CA GLU A 94 -40.89 3.19 7.65
C GLU A 94 -39.52 3.27 8.34
N VAL A 95 -38.96 2.12 8.74
CA VAL A 95 -37.64 2.14 9.38
C VAL A 95 -36.50 1.96 8.38
N PHE A 96 -36.78 1.84 7.09
CA PHE A 96 -35.70 1.78 6.13
C PHE A 96 -35.54 3.12 5.43
N GLN A 97 -36.67 3.75 5.10
CA GLN A 97 -36.71 5.10 4.54
C GLN A 97 -35.93 6.11 5.39
N LEU A 98 -36.18 6.13 6.71
CA LEU A 98 -35.62 7.16 7.56
C LEU A 98 -34.63 6.75 8.65
N VAL A 99 -34.48 5.47 8.98
CA VAL A 99 -33.43 5.17 9.96
C VAL A 99 -32.07 5.30 9.29
N GLU A 100 -31.97 4.87 8.04
CA GLU A 100 -30.72 4.97 7.30
C GLU A 100 -30.39 6.42 6.97
N GLU A 101 -31.39 7.30 7.03
CA GLU A 101 -31.18 8.72 6.82
C GLU A 101 -30.52 9.36 8.05
N ALA A 102 -30.19 8.56 9.05
CA ALA A 102 -29.44 9.09 10.17
C ALA A 102 -27.99 9.10 9.79
N TRP A 103 -27.67 8.46 8.67
CA TRP A 103 -26.35 8.52 8.10
C TRP A 103 -26.30 9.63 7.05
N LEU A 104 -27.42 10.31 6.84
CA LEU A 104 -27.59 11.41 5.89
C LEU A 104 -27.50 12.75 6.58
N LEU A 105 -27.40 12.76 7.90
CA LEU A 105 -27.14 13.95 8.70
C LEU A 105 -25.65 14.01 8.96
N PRO A 106 -24.88 14.82 8.24
CA PRO A 106 -23.42 14.83 8.37
C PRO A 106 -22.91 15.71 9.49
N ALA A 107 -23.79 16.30 10.29
CA ALA A 107 -23.39 17.22 11.35
C ALA A 107 -23.17 16.55 12.70
N VAL A 108 -24.21 15.87 13.19
CA VAL A 108 -24.16 14.77 14.20
C VAL A 108 -25.03 13.64 13.65
N GLY A 109 -25.26 12.55 14.39
CA GLY A 109 -26.25 11.59 14.01
C GLY A 109 -25.63 10.32 13.48
N ARG A 110 -24.30 10.31 13.32
CA ARG A 110 -23.54 9.15 12.93
C ARG A 110 -23.21 8.42 14.23
N GLU A 111 -22.58 9.17 15.14
CA GLU A 111 -22.15 8.69 16.45
C GLU A 111 -23.36 8.19 17.24
N VAL A 112 -24.45 8.98 17.15
CA VAL A 112 -25.72 8.70 17.82
C VAL A 112 -26.19 7.30 17.51
N ALA A 113 -26.21 6.93 16.22
CA ALA A 113 -26.67 5.61 15.83
C ALA A 113 -25.86 4.53 16.55
N GLN A 114 -24.53 4.57 16.36
CA GLN A 114 -23.59 3.61 16.94
C GLN A 114 -23.86 3.42 18.42
N GLY A 115 -23.92 4.53 19.16
CA GLY A 115 -24.18 4.44 20.59
C GLY A 115 -25.58 3.92 20.86
N LEU A 116 -26.56 4.39 20.10
CA LEU A 116 -27.97 4.06 20.28
C LEU A 116 -28.29 2.60 19.96
N CYS A 117 -27.29 1.82 19.52
CA CYS A 117 -27.61 0.46 19.11
C CYS A 117 -27.76 -0.45 20.32
N ASP A 118 -27.41 0.02 21.50
CA ASP A 118 -27.62 -0.78 22.70
C ASP A 118 -29.07 -0.72 23.15
N ALA A 119 -29.80 0.34 22.78
CA ALA A 119 -31.23 0.39 23.08
C ALA A 119 -32.00 -0.65 22.28
N ILE A 120 -31.53 -0.97 21.08
CA ILE A 120 -32.13 -2.05 20.30
C ILE A 120 -31.58 -3.41 20.71
N ARG A 121 -30.24 -3.56 20.72
CA ARG A 121 -29.62 -4.86 20.97
C ARG A 121 -29.90 -5.38 22.37
N LEU A 122 -29.87 -4.52 23.40
CA LEU A 122 -30.00 -5.07 24.75
C LEU A 122 -31.44 -5.48 25.03
N ASP A 123 -32.41 -4.78 24.45
CA ASP A 123 -33.80 -5.14 24.65
C ASP A 123 -34.10 -6.49 24.01
N GLY A 124 -33.36 -6.83 22.96
CA GLY A 124 -33.42 -8.13 22.32
C GLY A 124 -34.01 -8.11 20.93
N GLY A 125 -34.32 -6.92 20.40
CA GLY A 125 -34.97 -6.79 19.10
C GLY A 125 -34.26 -7.51 17.96
N LEU A 126 -32.93 -7.35 17.88
CA LEU A 126 -32.17 -8.08 16.87
C LEU A 126 -32.25 -9.58 17.13
N ASP A 127 -32.14 -10.00 18.39
CA ASP A 127 -32.30 -11.41 18.73
C ASP A 127 -33.72 -11.89 18.43
N LEU A 128 -34.72 -11.05 18.69
CA LEU A 128 -36.11 -11.44 18.43
C LEU A 128 -36.34 -11.67 16.94
N LEU A 129 -35.88 -10.74 16.09
CA LEU A 129 -36.06 -10.93 14.66
C LEU A 129 -35.21 -12.07 14.12
N LEU A 130 -34.01 -12.29 14.68
CA LEU A 130 -33.20 -13.41 14.25
C LEU A 130 -33.81 -14.75 14.66
N ARG A 131 -34.60 -14.76 15.73
CA ARG A 131 -35.40 -15.94 16.05
C ARG A 131 -36.63 -16.03 15.16
N LEU A 132 -37.09 -14.90 14.62
CA LEU A 132 -38.24 -14.91 13.71
C LEU A 132 -37.86 -14.88 12.23
N LEU A 133 -36.58 -14.77 11.89
CA LEU A 133 -36.21 -14.88 10.47
C LEU A 133 -36.20 -16.31 9.94
N GLN A 134 -36.61 -17.29 10.75
CA GLN A 134 -36.72 -18.67 10.26
C GLN A 134 -38.09 -18.96 9.65
N ALA A 135 -38.86 -17.91 9.34
CA ALA A 135 -40.14 -18.10 8.68
C ALA A 135 -39.92 -18.66 7.28
N PRO A 136 -40.72 -19.66 6.86
CA PRO A 136 -40.51 -20.26 5.53
C PRO A 136 -40.65 -19.29 4.38
N GLU A 137 -41.55 -18.31 4.48
CA GLU A 137 -41.69 -17.31 3.44
C GLU A 137 -40.46 -16.40 3.39
N LEU A 138 -40.09 -16.00 2.18
CA LEU A 138 -38.89 -15.20 1.98
C LEU A 138 -39.16 -13.72 1.79
N GLU A 139 -40.39 -13.34 1.42
CA GLU A 139 -40.71 -11.95 1.13
C GLU A 139 -40.53 -11.08 2.37
N THR A 140 -40.99 -11.56 3.53
CA THR A 140 -40.87 -10.82 4.78
C THR A 140 -39.50 -11.04 5.44
N ARG A 141 -38.62 -11.79 4.80
CA ARG A 141 -37.26 -11.98 5.30
C ARG A 141 -36.22 -11.18 4.51
N VAL A 142 -36.44 -11.02 3.21
CA VAL A 142 -35.47 -10.32 2.37
C VAL A 142 -35.44 -8.83 2.71
N GLN A 143 -36.59 -8.22 2.99
CA GLN A 143 -36.65 -6.82 3.38
C GLN A 143 -36.31 -6.61 4.86
N ALA A 144 -36.28 -7.67 5.65
CA ALA A 144 -35.96 -7.59 7.07
C ALA A 144 -34.46 -7.68 7.34
N ALA A 145 -33.73 -8.43 6.53
CA ALA A 145 -32.30 -8.60 6.74
C ALA A 145 -31.48 -7.35 6.41
N ARG A 146 -32.11 -6.30 5.87
CA ARG A 146 -31.37 -5.09 5.54
C ARG A 146 -31.00 -4.32 6.79
N LEU A 147 -31.96 -4.14 7.70
CA LEU A 147 -31.70 -3.43 8.96
C LEU A 147 -30.72 -4.17 9.85
N LEU A 148 -30.49 -5.46 9.59
CA LEU A 148 -29.44 -6.18 10.30
C LEU A 148 -28.07 -5.60 9.99
N GLU A 149 -27.73 -5.47 8.69
CA GLU A 149 -26.45 -4.87 8.34
C GLU A 149 -26.44 -3.38 8.66
N GLN A 150 -27.60 -2.72 8.58
CA GLN A 150 -27.61 -1.29 8.88
C GLN A 150 -27.45 -1.01 10.38
N ILE A 151 -27.72 -1.98 11.24
CA ILE A 151 -27.60 -1.79 12.69
C ILE A 151 -26.55 -2.77 13.20
N LEU A 152 -25.44 -2.90 12.47
CA LEU A 152 -24.30 -3.70 12.94
C LEU A 152 -23.16 -2.78 13.33
N VAL A 153 -22.91 -2.68 14.63
CA VAL A 153 -21.75 -1.99 15.19
C VAL A 153 -21.06 -3.02 16.10
N ALA A 154 -19.84 -2.67 16.54
CA ALA A 154 -18.99 -3.59 17.30
C ALA A 154 -19.69 -4.20 18.51
N GLU A 155 -20.41 -3.38 19.30
CA GLU A 155 -21.13 -3.92 20.44
C GLU A 155 -22.27 -4.84 19.99
N ASN A 156 -22.95 -4.48 18.90
CA ASN A 156 -23.94 -5.38 18.33
C ASN A 156 -23.30 -6.58 17.66
N ARG A 157 -22.03 -6.45 17.27
CA ARG A 157 -21.31 -7.51 16.59
C ARG A 157 -20.85 -8.59 17.58
N ASP A 158 -20.48 -8.18 18.80
CA ASP A 158 -19.92 -9.13 19.77
C ASP A 158 -20.93 -10.20 20.19
N ARG A 159 -22.20 -9.82 20.35
CA ARG A 159 -23.16 -10.81 20.81
C ARG A 159 -23.67 -11.70 19.68
N VAL A 160 -23.73 -11.18 18.45
CA VAL A 160 -24.08 -12.05 17.32
C VAL A 160 -22.93 -13.00 17.02
N ALA A 161 -21.69 -12.56 17.25
CA ALA A 161 -20.55 -13.46 17.16
C ALA A 161 -20.54 -14.44 18.33
N ARG A 162 -21.12 -14.05 19.46
CA ARG A 162 -21.23 -14.95 20.61
C ARG A 162 -22.36 -15.95 20.42
N ILE A 163 -23.59 -15.47 20.26
CA ILE A 163 -24.75 -16.33 20.16
C ILE A 163 -25.54 -15.92 18.93
N GLY A 164 -26.24 -16.88 18.32
CA GLY A 164 -26.96 -16.64 17.10
C GLY A 164 -26.21 -16.99 15.84
N LEU A 165 -24.96 -17.43 15.95
CA LEU A 165 -24.20 -17.84 14.77
C LEU A 165 -24.74 -19.17 14.24
N GLY A 166 -24.88 -19.26 12.93
CA GLY A 166 -25.41 -20.44 12.28
C GLY A 166 -26.70 -20.20 11.50
N VAL A 167 -27.47 -19.17 11.84
CA VAL A 167 -28.60 -18.84 10.99
C VAL A 167 -28.13 -18.11 9.74
N ILE A 168 -27.07 -17.30 9.85
CA ILE A 168 -26.49 -16.68 8.67
C ILE A 168 -25.77 -17.71 7.82
N LEU A 169 -25.10 -18.68 8.47
CA LEU A 169 -24.45 -19.75 7.72
C LEU A 169 -25.45 -20.64 7.02
N ASN A 170 -26.67 -20.74 7.53
CA ASN A 170 -27.73 -21.51 6.90
C ASN A 170 -28.56 -20.68 5.94
N LEU A 171 -28.57 -19.36 6.10
CA LEU A 171 -29.23 -18.50 5.12
C LEU A 171 -28.34 -18.24 3.91
N ALA A 172 -27.02 -18.35 4.07
CA ALA A 172 -26.09 -18.16 2.97
C ALA A 172 -26.15 -19.30 1.95
N LYS A 173 -26.84 -20.41 2.27
CA LYS A 173 -26.97 -21.50 1.32
C LYS A 173 -27.81 -21.11 0.11
N GLU A 174 -28.69 -20.12 0.24
CA GLU A 174 -29.56 -19.69 -0.84
C GLU A 174 -28.91 -18.50 -1.54
N ARG A 175 -28.57 -18.69 -2.81
CA ARG A 175 -27.84 -17.70 -3.56
C ARG A 175 -28.57 -17.19 -4.80
N GLU A 176 -29.81 -17.63 -5.01
CA GLU A 176 -30.57 -17.21 -6.20
C GLU A 176 -31.14 -15.80 -6.07
N PRO A 177 -31.88 -15.41 -5.01
CA PRO A 177 -32.44 -14.06 -5.00
C PRO A 177 -31.34 -13.02 -4.79
N VAL A 178 -31.27 -12.07 -5.74
CA VAL A 178 -30.22 -11.05 -5.67
C VAL A 178 -30.51 -10.05 -4.55
N GLU A 179 -31.79 -9.78 -4.28
CA GLU A 179 -32.15 -8.89 -3.17
C GLU A 179 -31.79 -9.52 -1.84
N LEU A 180 -31.82 -10.85 -1.75
CA LEU A 180 -31.42 -11.54 -0.54
C LEU A 180 -29.89 -11.60 -0.46
N ALA A 181 -29.24 -11.99 -1.56
CA ALA A 181 -27.79 -12.13 -1.58
C ALA A 181 -27.09 -10.82 -1.29
N ARG A 182 -27.69 -9.69 -1.68
CA ARG A 182 -27.13 -8.38 -1.37
C ARG A 182 -27.03 -8.18 0.14
N SER A 183 -28.12 -8.43 0.85
CA SER A 183 -28.12 -8.26 2.29
C SER A 183 -27.21 -9.27 2.98
N VAL A 184 -27.14 -10.50 2.46
CA VAL A 184 -26.25 -11.49 3.07
C VAL A 184 -24.79 -11.09 2.86
N ALA A 185 -24.47 -10.51 1.70
CA ALA A 185 -23.12 -10.05 1.44
C ALA A 185 -22.74 -8.91 2.38
N GLY A 186 -23.68 -7.98 2.62
CA GLY A 186 -23.42 -6.93 3.59
C GLY A 186 -23.28 -7.45 5.01
N ILE A 187 -24.07 -8.47 5.37
CA ILE A 187 -23.95 -9.11 6.68
C ILE A 187 -22.57 -9.72 6.86
N LEU A 188 -22.10 -10.46 5.86
CA LEU A 188 -20.76 -11.06 5.94
C LEU A 188 -19.68 -9.99 5.95
N GLU A 189 -19.91 -8.88 5.25
CA GLU A 189 -18.96 -7.77 5.26
C GLU A 189 -18.80 -7.20 6.66
N HIS A 190 -19.92 -6.93 7.34
CA HIS A 190 -19.82 -6.36 8.67
C HIS A 190 -19.48 -7.41 9.72
N MET A 191 -19.66 -8.70 9.42
CA MET A 191 -19.31 -9.75 10.38
C MET A 191 -17.85 -10.16 10.32
N PHE A 192 -17.20 -9.92 9.18
CA PHE A 192 -15.80 -10.37 9.03
C PHE A 192 -14.94 -9.70 10.11
N LYS A 193 -15.26 -8.44 10.38
CA LYS A 193 -14.40 -7.54 11.15
C LYS A 193 -14.50 -7.73 12.66
N HIS A 194 -15.10 -8.81 13.15
CA HIS A 194 -15.30 -8.93 14.59
C HIS A 194 -14.01 -9.27 15.33
N SER A 195 -13.47 -10.47 15.11
CA SER A 195 -12.27 -10.91 15.80
C SER A 195 -11.65 -12.05 15.02
N GLU A 196 -10.54 -12.59 15.56
CA GLU A 196 -9.83 -13.67 14.90
C GLU A 196 -10.62 -14.98 14.91
N GLU A 197 -11.31 -15.27 16.04
CA GLU A 197 -12.01 -16.54 16.15
C GLU A 197 -13.18 -16.63 15.17
N THR A 198 -13.91 -15.53 14.98
CA THR A 198 -15.02 -15.54 14.04
C THR A 198 -14.53 -15.60 12.60
N CYS A 199 -13.39 -14.97 12.32
CA CYS A 199 -12.78 -15.09 11.00
C CYS A 199 -12.41 -16.55 10.74
N GLN A 200 -11.81 -17.21 11.73
CA GLN A 200 -11.43 -18.62 11.56
C GLN A 200 -12.66 -19.51 11.45
N ARG A 201 -13.77 -19.13 12.09
CA ARG A 201 -14.98 -19.93 11.97
C ARG A 201 -15.70 -19.72 10.63
N LEU A 202 -15.62 -18.52 10.06
CA LEU A 202 -16.27 -18.28 8.77
C LEU A 202 -15.40 -18.70 7.60
N VAL A 203 -14.09 -18.89 7.81
CA VAL A 203 -13.29 -19.56 6.80
C VAL A 203 -13.36 -21.07 6.97
N ALA A 204 -13.45 -21.56 8.20
CA ALA A 204 -13.57 -23.00 8.44
C ALA A 204 -14.94 -23.52 8.03
N ALA A 205 -15.96 -22.68 8.07
CA ALA A 205 -17.27 -23.06 7.56
C ALA A 205 -17.37 -22.67 6.09
N GLY A 206 -18.58 -22.70 5.54
CA GLY A 206 -18.78 -22.33 4.16
C GLY A 206 -19.02 -20.85 3.94
N GLY A 207 -18.46 -20.00 4.81
CA GLY A 207 -18.69 -18.57 4.69
C GLY A 207 -18.03 -17.96 3.47
N LEU A 208 -16.82 -18.42 3.13
CA LEU A 208 -16.11 -17.86 2.00
C LEU A 208 -16.72 -18.27 0.66
N ASP A 209 -17.26 -19.49 0.59
CA ASP A 209 -17.84 -20.00 -0.66
C ASP A 209 -18.98 -19.14 -1.18
N ALA A 210 -19.79 -18.55 -0.29
CA ALA A 210 -20.91 -17.73 -0.72
C ALA A 210 -20.42 -16.46 -1.43
N VAL A 211 -19.54 -15.70 -0.79
CA VAL A 211 -19.01 -14.50 -1.43
C VAL A 211 -18.09 -14.83 -2.59
N LEU A 212 -17.57 -16.06 -2.65
CA LEU A 212 -16.75 -16.46 -3.79
C LEU A 212 -17.62 -16.84 -4.98
N TYR A 213 -18.81 -17.38 -4.72
CA TYR A 213 -19.77 -17.69 -5.78
C TYR A 213 -20.43 -16.43 -6.31
N TRP A 214 -20.69 -15.45 -5.43
CA TRP A 214 -21.35 -14.22 -5.87
C TRP A 214 -20.44 -13.31 -6.70
N CYS A 215 -19.18 -13.69 -6.92
CA CYS A 215 -18.30 -12.85 -7.72
C CYS A 215 -18.60 -12.94 -9.22
N ARG A 216 -19.38 -13.93 -9.64
CA ARG A 216 -19.74 -14.11 -11.04
C ARG A 216 -21.03 -13.40 -11.42
N ARG A 217 -21.54 -12.53 -10.56
CA ARG A 217 -22.81 -11.85 -10.81
C ARG A 217 -22.58 -10.52 -11.51
N THR A 218 -23.69 -9.84 -11.83
CA THR A 218 -23.65 -8.56 -12.52
C THR A 218 -24.21 -7.41 -11.70
N ASP A 219 -24.79 -7.67 -10.52
CA ASP A 219 -25.40 -6.62 -9.73
C ASP A 219 -24.34 -5.67 -9.19
N PRO A 220 -24.46 -4.37 -9.41
CA PRO A 220 -23.43 -3.42 -8.94
C PRO A 220 -23.31 -3.33 -7.43
N ALA A 221 -24.45 -3.21 -6.74
CA ALA A 221 -24.43 -3.12 -5.28
C ALA A 221 -23.92 -4.41 -4.66
N LEU A 222 -24.33 -5.56 -5.20
CA LEU A 222 -23.85 -6.84 -4.69
C LEU A 222 -22.35 -6.99 -4.89
N LEU A 223 -21.84 -6.59 -6.06
CA LEU A 223 -20.40 -6.70 -6.29
C LEU A 223 -19.61 -5.73 -5.42
N ARG A 224 -20.14 -4.53 -5.17
CA ARG A 224 -19.49 -3.61 -4.25
C ARG A 224 -19.45 -4.17 -2.84
N HIS A 225 -20.56 -4.74 -2.37
CA HIS A 225 -20.60 -5.31 -1.03
C HIS A 225 -19.68 -6.52 -0.93
N CYS A 226 -19.55 -7.30 -2.00
CA CYS A 226 -18.61 -8.41 -2.00
C CYS A 226 -17.17 -7.93 -1.93
N ALA A 227 -16.84 -6.88 -2.69
CA ALA A 227 -15.49 -6.32 -2.67
C ALA A 227 -15.15 -5.79 -1.28
N LEU A 228 -16.11 -5.11 -0.64
CA LEU A 228 -15.87 -4.64 0.72
C LEU A 228 -15.82 -5.79 1.72
N ALA A 229 -16.53 -6.88 1.44
CA ALA A 229 -16.55 -8.03 2.35
C ALA A 229 -15.21 -8.77 2.34
N LEU A 230 -14.64 -8.97 1.15
CA LEU A 230 -13.40 -9.74 1.04
C LEU A 230 -12.20 -9.04 1.67
N GLY A 231 -12.30 -7.75 1.98
CA GLY A 231 -11.17 -7.01 2.51
C GLY A 231 -11.11 -6.95 4.01
N ASN A 232 -12.21 -7.30 4.67
CA ASN A 232 -12.27 -7.38 6.12
C ASN A 232 -11.84 -8.75 6.64
N CYS A 233 -11.17 -9.54 5.82
CA CYS A 233 -10.66 -10.84 6.21
C CYS A 233 -9.15 -10.86 6.36
N ALA A 234 -8.43 -10.20 5.46
CA ALA A 234 -6.98 -10.10 5.60
C ALA A 234 -6.60 -9.19 6.76
N LEU A 235 -7.49 -8.31 7.19
CA LEU A 235 -7.22 -7.45 8.34
C LEU A 235 -7.30 -8.24 9.64
N HIS A 236 -8.44 -8.87 9.88
CA HIS A 236 -8.71 -9.57 11.13
C HIS A 236 -8.42 -11.06 11.06
N GLY A 237 -7.60 -11.48 10.09
CA GLY A 237 -7.32 -12.89 9.93
C GLY A 237 -5.95 -13.37 10.40
N GLY A 238 -5.08 -12.45 10.76
CA GLY A 238 -3.75 -12.88 11.15
C GLY A 238 -2.96 -13.29 9.92
N GLN A 239 -2.23 -14.40 10.03
CA GLN A 239 -1.44 -14.89 8.92
C GLN A 239 -1.91 -16.22 8.35
N ALA A 240 -2.41 -17.12 9.19
CA ALA A 240 -2.84 -18.42 8.68
C ALA A 240 -4.14 -18.34 7.90
N VAL A 241 -5.03 -17.41 8.25
CA VAL A 241 -6.24 -17.21 7.46
C VAL A 241 -5.90 -16.58 6.12
N GLN A 242 -4.91 -15.68 6.09
CA GLN A 242 -4.43 -15.15 4.82
C GLN A 242 -3.70 -16.21 4.01
N ARG A 243 -3.17 -17.25 4.65
CA ARG A 243 -2.56 -18.36 3.95
C ARG A 243 -3.58 -19.39 3.49
N ARG A 244 -4.77 -19.37 4.09
CA ARG A 244 -5.88 -20.23 3.70
C ARG A 244 -6.72 -19.60 2.60
N MET A 245 -6.79 -18.27 2.56
CA MET A 245 -7.59 -17.57 1.54
C MET A 245 -7.04 -17.82 0.14
N VAL A 246 -5.72 -17.79 -0.02
CA VAL A 246 -5.14 -18.14 -1.31
C VAL A 246 -5.36 -19.63 -1.61
N GLU A 247 -5.39 -20.46 -0.57
CA GLU A 247 -5.72 -21.87 -0.76
C GLU A 247 -7.19 -22.04 -1.12
N LYS A 248 -8.05 -21.11 -0.73
CA LYS A 248 -9.45 -21.13 -1.13
C LYS A 248 -9.71 -20.33 -2.39
N ARG A 249 -8.65 -19.89 -3.08
CA ARG A 249 -8.72 -19.26 -4.39
C ARG A 249 -9.55 -17.97 -4.39
N ALA A 250 -9.25 -17.10 -3.44
CA ALA A 250 -9.91 -15.80 -3.36
C ALA A 250 -9.23 -14.74 -4.22
N ALA A 251 -7.90 -14.77 -4.30
CA ALA A 251 -7.16 -13.77 -5.06
C ALA A 251 -7.43 -13.84 -6.56
N GLU A 252 -7.88 -14.99 -7.06
CA GLU A 252 -8.20 -15.09 -8.49
C GLU A 252 -9.60 -14.57 -8.78
N TRP A 253 -10.53 -14.75 -7.84
CA TRP A 253 -11.89 -14.29 -8.06
C TRP A 253 -12.04 -12.81 -7.81
N LEU A 254 -10.95 -12.13 -7.51
CA LEU A 254 -10.93 -10.70 -7.34
C LEU A 254 -10.50 -10.02 -8.63
N PHE A 255 -10.02 -10.80 -9.61
CA PHE A 255 -9.73 -10.24 -10.93
C PHE A 255 -10.95 -9.58 -11.58
N PRO A 256 -12.16 -10.17 -11.60
CA PRO A 256 -13.29 -9.42 -12.20
C PRO A 256 -13.69 -8.18 -11.43
N LEU A 257 -13.59 -8.21 -10.10
CA LEU A 257 -13.91 -7.04 -9.31
C LEU A 257 -12.86 -5.95 -9.44
N ALA A 258 -11.64 -6.30 -9.83
CA ALA A 258 -10.61 -5.29 -10.04
C ALA A 258 -10.59 -4.80 -11.48
N PHE A 259 -10.80 -5.69 -12.44
CA PHE A 259 -10.86 -5.30 -13.85
C PHE A 259 -12.32 -5.03 -14.21
N SER A 260 -12.79 -3.84 -13.87
CA SER A 260 -14.19 -3.46 -14.06
C SER A 260 -14.24 -1.99 -14.45
N LYS A 261 -14.43 -1.73 -15.75
CA LYS A 261 -14.51 -0.38 -16.28
C LYS A 261 -15.89 0.26 -16.08
N GLU A 262 -16.72 -0.27 -15.19
CA GLU A 262 -18.05 0.26 -14.93
C GLU A 262 -18.09 1.13 -13.68
N ASP A 263 -17.38 0.75 -12.62
CA ASP A 263 -17.30 1.58 -11.43
C ASP A 263 -15.85 1.62 -10.97
N GLU A 264 -15.37 2.82 -10.65
CA GLU A 264 -14.01 2.96 -10.14
C GLU A 264 -13.95 2.62 -8.66
N LEU A 265 -15.06 2.81 -7.94
CA LEU A 265 -15.14 2.45 -6.53
C LEU A 265 -14.85 0.98 -6.33
N LEU A 266 -15.43 0.13 -7.19
CA LEU A 266 -15.21 -1.30 -7.10
C LEU A 266 -13.75 -1.65 -7.38
N ARG A 267 -13.12 -0.95 -8.33
CA ARG A 267 -11.71 -1.20 -8.62
C ARG A 267 -10.84 -0.84 -7.44
N LEU A 268 -11.12 0.30 -6.79
CA LEU A 268 -10.34 0.70 -5.62
C LEU A 268 -10.51 -0.28 -4.46
N HIS A 269 -11.75 -0.71 -4.22
CA HIS A 269 -11.99 -1.66 -3.13
C HIS A 269 -11.32 -3.00 -3.40
N ALA A 270 -11.39 -3.48 -4.64
CA ALA A 270 -10.76 -4.76 -4.95
C ALA A 270 -9.25 -4.66 -4.88
N CYS A 271 -8.67 -3.53 -5.30
CA CYS A 271 -7.21 -3.41 -5.26
C CYS A 271 -6.70 -3.23 -3.84
N LEU A 272 -7.42 -2.51 -2.98
CA LEU A 272 -7.02 -2.47 -1.58
C LEU A 272 -7.16 -3.85 -0.93
N ALA A 273 -8.21 -4.59 -1.32
CA ALA A 273 -8.43 -5.92 -0.76
C ALA A 273 -7.32 -6.89 -1.17
N VAL A 274 -6.83 -6.78 -2.40
CA VAL A 274 -5.75 -7.69 -2.79
C VAL A 274 -4.40 -7.20 -2.27
N ALA A 275 -4.23 -5.88 -2.09
CA ALA A 275 -2.97 -5.35 -1.60
C ALA A 275 -2.78 -5.63 -0.11
N VAL A 276 -3.86 -5.65 0.67
CA VAL A 276 -3.75 -5.92 2.09
C VAL A 276 -3.42 -7.38 2.37
N LEU A 277 -3.46 -8.23 1.36
CA LEU A 277 -3.22 -9.66 1.51
C LEU A 277 -1.89 -10.12 0.94
N ALA A 278 -1.27 -9.35 0.06
CA ALA A 278 0.00 -9.73 -0.55
C ALA A 278 1.21 -9.27 0.25
N THR A 279 1.02 -8.92 1.53
CA THR A 279 2.14 -8.52 2.37
C THR A 279 2.86 -9.73 2.96
N ASN A 280 2.18 -10.87 3.08
CA ASN A 280 2.82 -12.08 3.56
C ASN A 280 3.77 -12.61 2.49
N LYS A 281 5.00 -12.92 2.90
CA LYS A 281 6.01 -13.38 1.96
C LYS A 281 5.74 -14.80 1.47
N GLU A 282 5.14 -15.65 2.31
CA GLU A 282 4.91 -17.03 1.92
C GLU A 282 3.85 -17.17 0.83
N VAL A 283 2.88 -16.25 0.78
CA VAL A 283 1.82 -16.30 -0.22
C VAL A 283 2.00 -15.27 -1.31
N GLU A 284 3.03 -14.42 -1.22
CA GLU A 284 3.25 -13.40 -2.25
C GLU A 284 3.54 -14.04 -3.60
N ARG A 285 4.29 -15.15 -3.60
CA ARG A 285 4.63 -15.86 -4.83
C ARG A 285 3.41 -16.50 -5.47
N GLU A 286 2.34 -16.71 -4.71
CA GLU A 286 1.08 -17.23 -5.23
C GLU A 286 0.12 -16.11 -5.61
N VAL A 287 0.23 -14.95 -4.97
CA VAL A 287 -0.62 -13.82 -5.35
C VAL A 287 -0.15 -13.23 -6.67
N GLU A 288 1.17 -13.24 -6.94
CA GLU A 288 1.61 -12.73 -8.23
C GLU A 288 1.24 -13.67 -9.38
N ARG A 289 1.02 -14.96 -9.09
CA ARG A 289 0.59 -15.92 -10.11
C ARG A 289 -0.87 -15.72 -10.49
N SER A 290 -1.67 -15.08 -9.63
CA SER A 290 -3.08 -14.88 -9.91
C SER A 290 -3.30 -13.91 -11.06
N GLY A 291 -2.40 -12.96 -11.27
CA GLY A 291 -2.55 -12.00 -12.34
C GLY A 291 -3.23 -10.70 -11.96
N THR A 292 -3.22 -10.35 -10.67
CA THR A 292 -3.91 -9.15 -10.20
C THR A 292 -2.98 -8.14 -9.54
N LEU A 293 -1.79 -8.56 -9.10
CA LEU A 293 -0.84 -7.66 -8.44
C LEU A 293 -0.28 -6.58 -9.37
N ALA A 294 -0.47 -6.71 -10.69
CA ALA A 294 -0.04 -5.67 -11.62
C ALA A 294 -1.05 -4.56 -11.79
N LEU A 295 -2.34 -4.82 -11.53
CA LEU A 295 -3.39 -3.84 -11.76
C LEU A 295 -3.36 -2.67 -10.78
N VAL A 296 -2.69 -2.79 -9.62
CA VAL A 296 -2.80 -1.74 -8.62
C VAL A 296 -1.96 -0.51 -8.93
N GLU A 297 -0.92 -0.66 -9.74
CA GLU A 297 0.00 0.44 -9.99
C GLU A 297 -0.60 1.45 -10.95
N PRO A 298 -1.06 1.10 -12.17
CA PRO A 298 -1.65 2.14 -13.02
C PRO A 298 -2.96 2.63 -12.48
N LEU A 299 -3.64 1.84 -11.64
CA LEU A 299 -4.87 2.26 -11.00
C LEU A 299 -4.61 3.45 -10.09
N VAL A 300 -3.67 3.30 -9.15
CA VAL A 300 -3.35 4.42 -8.27
C VAL A 300 -2.56 5.50 -9.02
N ALA A 301 -1.95 5.17 -10.14
CA ALA A 301 -1.25 6.18 -10.93
C ALA A 301 -2.23 7.13 -11.61
N SER A 302 -3.17 6.58 -12.38
CA SER A 302 -4.11 7.40 -13.13
C SER A 302 -5.07 8.15 -12.20
N LEU A 303 -5.74 7.42 -11.32
CA LEU A 303 -6.76 8.03 -10.46
C LEU A 303 -6.17 9.06 -9.51
N ASP A 304 -6.74 10.24 -9.53
CA ASP A 304 -6.45 11.36 -8.64
C ASP A 304 -7.34 11.25 -7.41
N PRO A 305 -6.79 11.42 -6.20
CA PRO A 305 -7.64 11.29 -5.00
C PRO A 305 -8.67 12.38 -4.88
N GLY A 306 -8.50 13.52 -5.56
CA GLY A 306 -9.54 14.53 -5.58
C GLY A 306 -10.77 14.04 -6.33
N ARG A 307 -10.56 13.35 -7.45
CA ARG A 307 -11.68 12.80 -8.21
C ARG A 307 -12.41 11.76 -7.38
N PHE A 308 -11.65 10.93 -6.66
CA PHE A 308 -12.26 9.86 -5.87
C PHE A 308 -13.01 10.45 -4.68
N ALA A 309 -12.54 11.61 -4.20
CA ALA A 309 -13.26 12.30 -3.15
C ALA A 309 -14.57 12.85 -3.69
N ARG A 310 -14.52 13.47 -4.88
CA ARG A 310 -15.74 14.00 -5.49
C ARG A 310 -16.73 12.88 -5.82
N CYS A 311 -16.23 11.68 -6.11
CA CYS A 311 -17.09 10.53 -6.28
C CYS A 311 -17.56 9.97 -4.95
N LEU A 312 -16.94 10.36 -3.84
CA LEU A 312 -17.44 9.96 -2.54
C LEU A 312 -18.29 11.01 -1.85
N VAL A 313 -18.10 12.28 -2.16
CA VAL A 313 -18.89 13.32 -1.51
C VAL A 313 -20.21 13.57 -2.24
N ASP A 314 -20.29 13.26 -3.53
CA ASP A 314 -21.55 13.46 -4.25
C ASP A 314 -22.50 12.29 -4.09
N ALA A 315 -22.00 11.09 -3.80
CA ALA A 315 -22.87 9.96 -3.52
C ALA A 315 -23.58 10.15 -2.19
N SER A 316 -24.82 9.67 -2.12
CA SER A 316 -25.62 9.81 -0.91
C SER A 316 -25.25 8.81 0.18
N ASP A 317 -24.44 7.82 -0.13
CA ASP A 317 -24.03 6.82 0.86
C ASP A 317 -22.50 6.77 0.84
N THR A 318 -21.90 5.85 1.61
CA THR A 318 -20.45 5.67 1.74
C THR A 318 -19.72 6.94 2.19
N SER A 319 -20.40 7.80 2.94
CA SER A 319 -19.73 8.95 3.53
C SER A 319 -19.14 8.55 4.87
N GLN A 320 -17.96 9.09 5.18
CA GLN A 320 -17.16 8.69 6.34
C GLN A 320 -16.92 7.19 6.30
N GLY A 321 -16.25 6.76 5.24
CA GLY A 321 -16.10 5.37 4.86
C GLY A 321 -15.54 4.41 5.88
N ARG A 322 -14.26 4.58 6.23
CA ARG A 322 -13.61 3.65 7.14
C ARG A 322 -13.77 4.08 8.60
N GLY A 323 -13.61 5.36 8.89
CA GLY A 323 -13.87 5.88 10.22
C GLY A 323 -12.70 5.71 11.17
N PRO A 324 -12.75 6.43 12.29
CA PRO A 324 -11.65 6.41 13.26
C PRO A 324 -11.58 5.16 14.12
N ASP A 325 -12.42 4.16 13.87
CA ASP A 325 -12.47 3.00 14.75
C ASP A 325 -11.35 1.99 14.44
N ASP A 326 -11.33 1.45 13.22
CA ASP A 326 -10.36 0.44 12.84
C ASP A 326 -9.44 0.92 11.73
N LEU A 327 -9.25 2.24 11.59
CA LEU A 327 -8.41 2.73 10.50
C LEU A 327 -6.95 2.34 10.71
N GLN A 328 -6.54 2.15 11.97
CA GLN A 328 -5.14 1.93 12.31
C GLN A 328 -4.59 0.66 11.68
N ARG A 329 -5.46 -0.31 11.38
CA ARG A 329 -5.02 -1.54 10.72
C ARG A 329 -4.42 -1.25 9.35
N LEU A 330 -4.79 -0.12 8.73
CA LEU A 330 -4.24 0.29 7.46
C LEU A 330 -2.88 0.95 7.62
N VAL A 331 -2.57 1.41 8.84
CA VAL A 331 -1.32 2.15 9.06
C VAL A 331 -0.06 1.31 8.83
N PRO A 332 0.07 0.06 9.33
CA PRO A 332 1.31 -0.68 9.04
C PRO A 332 1.54 -0.97 7.57
N LEU A 333 0.49 -0.93 6.74
CA LEU A 333 0.66 -1.10 5.30
C LEU A 333 1.50 0.02 4.72
N LEU A 334 1.45 1.22 5.34
CA LEU A 334 2.32 2.30 4.90
C LEU A 334 3.78 1.98 5.20
N ASP A 335 4.03 1.27 6.30
CA ASP A 335 5.37 0.89 6.72
C ASP A 335 5.77 -0.49 6.22
N SER A 336 4.91 -1.17 5.46
CA SER A 336 5.20 -2.52 5.01
C SER A 336 6.28 -2.52 3.94
N ASN A 337 6.71 -3.73 3.57
CA ASN A 337 7.74 -3.88 2.56
C ASN A 337 7.19 -3.71 1.15
N ARG A 338 5.96 -4.16 0.91
CA ARG A 338 5.37 -4.06 -0.41
C ARG A 338 4.96 -2.63 -0.71
N LEU A 339 5.44 -2.10 -1.84
CA LEU A 339 5.23 -0.69 -2.15
C LEU A 339 3.81 -0.38 -2.55
N GLU A 340 3.12 -1.33 -3.20
CA GLU A 340 1.76 -1.06 -3.67
C GLU A 340 0.79 -0.97 -2.51
N ALA A 341 1.03 -1.72 -1.43
CA ALA A 341 0.23 -1.57 -0.23
C ALA A 341 0.40 -0.19 0.38
N GLN A 342 1.65 0.31 0.37
CA GLN A 342 1.93 1.65 0.87
C GLN A 342 1.19 2.70 0.05
N CYS A 343 1.24 2.58 -1.28
CA CYS A 343 0.62 3.62 -2.10
C CYS A 343 -0.91 3.56 -2.00
N ILE A 344 -1.49 2.36 -1.91
CA ILE A 344 -2.95 2.29 -1.80
C ILE A 344 -3.42 2.78 -0.43
N GLY A 345 -2.65 2.52 0.62
CA GLY A 345 -3.00 3.04 1.93
C GLY A 345 -2.90 4.55 1.98
N ALA A 346 -1.82 5.11 1.41
CA ALA A 346 -1.66 6.55 1.36
C ALA A 346 -2.74 7.20 0.52
N PHE A 347 -3.14 6.55 -0.57
CA PHE A 347 -4.21 7.05 -1.43
C PHE A 347 -5.52 7.13 -0.68
N TYR A 348 -5.88 6.06 0.03
CA TYR A 348 -7.12 6.07 0.79
C TYR A 348 -7.08 7.12 1.91
N LEU A 349 -5.93 7.24 2.58
CA LEU A 349 -5.80 8.23 3.66
C LEU A 349 -5.94 9.66 3.14
N CYS A 350 -5.25 10.00 2.04
CA CYS A 350 -5.38 11.37 1.52
C CYS A 350 -6.77 11.62 0.97
N ALA A 351 -7.42 10.60 0.40
CA ALA A 351 -8.78 10.79 -0.08
C ALA A 351 -9.74 11.08 1.07
N GLU A 352 -9.69 10.29 2.14
CA GLU A 352 -10.59 10.55 3.25
C GLU A 352 -10.20 11.82 3.99
N ALA A 353 -8.93 12.23 3.94
CA ALA A 353 -8.54 13.51 4.50
C ALA A 353 -9.13 14.67 3.72
N ALA A 354 -9.07 14.59 2.39
CA ALA A 354 -9.68 15.63 1.55
C ALA A 354 -11.19 15.67 1.75
N ILE A 355 -11.80 14.51 2.01
CA ILE A 355 -13.23 14.48 2.34
C ILE A 355 -13.48 15.20 3.67
N LYS A 356 -12.69 14.87 4.68
CA LYS A 356 -12.96 15.31 6.04
C LYS A 356 -12.37 16.70 6.33
N SER A 357 -11.56 17.24 5.42
CA SER A 357 -10.98 18.56 5.67
C SER A 357 -11.99 19.67 5.41
N LEU A 358 -13.01 19.42 4.59
CA LEU A 358 -14.01 20.45 4.30
C LEU A 358 -14.88 20.75 5.52
N GLN A 359 -14.90 19.85 6.49
CA GLN A 359 -15.60 20.03 7.75
C GLN A 359 -14.56 20.23 8.84
N GLY A 360 -15.01 20.50 10.05
CA GLY A 360 -14.07 20.76 11.12
C GLY A 360 -13.73 19.51 11.91
N LYS A 361 -13.81 18.36 11.25
CA LYS A 361 -13.53 17.08 11.88
C LYS A 361 -12.06 16.67 11.73
N THR A 362 -11.16 17.62 11.47
CA THR A 362 -9.76 17.28 11.30
C THR A 362 -9.09 16.88 12.62
N LYS A 363 -9.66 17.28 13.75
CA LYS A 363 -9.04 17.03 15.04
C LYS A 363 -9.08 15.57 15.45
N VAL A 364 -9.85 14.73 14.76
CA VAL A 364 -9.77 13.30 15.02
C VAL A 364 -8.48 12.71 14.49
N PHE A 365 -7.74 13.46 13.65
CA PHE A 365 -6.38 13.09 13.32
C PHE A 365 -5.43 13.36 14.47
N SER A 366 -5.78 14.31 15.34
CA SER A 366 -4.91 14.68 16.45
C SER A 366 -4.76 13.55 17.46
N ASP A 367 -5.87 13.14 18.09
CA ASP A 367 -5.80 12.13 19.14
C ASP A 367 -5.43 10.74 18.65
N ILE A 368 -5.46 10.49 17.34
CA ILE A 368 -5.04 9.18 16.86
C ILE A 368 -3.57 9.22 16.43
N GLY A 369 -3.01 10.41 16.23
CA GLY A 369 -1.60 10.51 15.85
C GLY A 369 -1.28 9.96 14.48
N ALA A 370 -2.19 10.12 13.52
CA ALA A 370 -1.94 9.67 12.16
C ALA A 370 -1.15 10.69 11.34
N ILE A 371 -1.30 11.98 11.64
CA ILE A 371 -0.53 13.04 10.98
C ILE A 371 0.95 12.85 11.29
N GLN A 372 1.26 12.36 12.48
CA GLN A 372 2.62 12.02 12.84
C GLN A 372 3.16 10.93 11.93
N SER A 373 2.38 9.86 11.72
CA SER A 373 2.83 8.77 10.85
C SER A 373 3.04 9.24 9.42
N LEU A 374 2.20 10.15 8.93
CA LEU A 374 2.45 10.70 7.60
C LEU A 374 3.71 11.57 7.57
N LYS A 375 3.95 12.35 8.63
CA LYS A 375 5.13 13.20 8.64
C LYS A 375 6.42 12.40 8.76
N ARG A 376 6.37 11.20 9.34
CA ARG A 376 7.59 10.43 9.45
C ARG A 376 7.97 9.68 8.19
N LEU A 377 7.11 9.67 7.17
CA LEU A 377 7.34 8.86 5.98
C LEU A 377 7.62 9.66 4.72
N VAL A 378 7.76 10.97 4.82
CA VAL A 378 8.03 11.76 3.62
C VAL A 378 9.53 11.98 3.42
N SER A 379 10.28 12.22 4.49
CA SER A 379 11.73 12.33 4.41
C SER A 379 12.34 10.95 4.49
N TYR A 380 13.44 10.75 3.77
CA TYR A 380 14.12 9.46 3.64
C TYR A 380 13.16 8.38 3.12
N SER A 381 12.60 8.62 1.94
CA SER A 381 11.66 7.69 1.35
C SER A 381 11.83 7.71 -0.16
N THR A 382 12.13 6.55 -0.74
CA THR A 382 12.37 6.44 -2.18
C THR A 382 11.12 5.83 -2.82
N ASN A 383 10.13 6.69 -3.06
CA ASN A 383 8.91 6.29 -3.76
C ASN A 383 8.25 7.58 -4.22
N GLY A 384 8.20 7.79 -5.53
CA GLY A 384 7.64 9.04 -6.05
C GLY A 384 6.16 9.19 -5.77
N THR A 385 5.39 8.14 -6.03
CA THR A 385 3.94 8.19 -5.85
C THR A 385 3.56 8.29 -4.38
N LYS A 386 4.16 7.46 -3.53
CA LYS A 386 3.81 7.45 -2.11
C LYS A 386 4.17 8.77 -1.44
N SER A 387 5.38 9.27 -1.70
CA SER A 387 5.79 10.54 -1.11
C SER A 387 4.98 11.69 -1.69
N ALA A 388 4.63 11.63 -2.97
CA ALA A 388 3.80 12.68 -3.56
C ALA A 388 2.42 12.74 -2.91
N LEU A 389 1.80 11.57 -2.70
CA LEU A 389 0.49 11.51 -2.08
C LEU A 389 0.56 11.95 -0.62
N ALA A 390 1.65 11.58 0.08
CA ALA A 390 1.79 11.98 1.47
C ALA A 390 2.00 13.49 1.60
N LYS A 391 2.79 14.08 0.72
CA LYS A 391 2.99 15.53 0.76
C LYS A 391 1.71 16.26 0.37
N ARG A 392 0.94 15.69 -0.57
CA ARG A 392 -0.35 16.28 -0.91
C ARG A 392 -1.29 16.25 0.29
N ALA A 393 -1.36 15.11 0.98
CA ALA A 393 -2.20 14.98 2.17
C ALA A 393 -1.79 15.98 3.25
N LEU A 394 -0.47 16.11 3.48
CA LEU A 394 0.02 17.02 4.50
C LEU A 394 -0.28 18.47 4.16
N ARG A 395 -0.05 18.87 2.91
CA ARG A 395 -0.30 20.26 2.54
C ARG A 395 -1.79 20.57 2.49
N LEU A 396 -2.63 19.58 2.18
CA LEU A 396 -4.06 19.82 2.19
C LEU A 396 -4.63 19.85 3.59
N LEU A 397 -4.06 19.08 4.52
CA LEU A 397 -4.56 19.08 5.88
C LEU A 397 -4.08 20.29 6.68
N GLY A 398 -3.10 21.04 6.18
CA GLY A 398 -2.66 22.25 6.84
C GLY A 398 -1.41 22.10 7.69
N GLU A 399 -0.48 21.25 7.24
CA GLU A 399 0.78 21.03 7.94
C GLU A 399 1.93 21.14 6.96
N GLU A 400 3.13 21.34 7.49
CA GLU A 400 4.32 21.50 6.67
C GLU A 400 4.97 20.15 6.40
N VAL A 401 5.76 20.11 5.32
CA VAL A 401 6.49 18.90 4.97
C VAL A 401 7.86 18.94 5.66
N PRO A 402 8.23 17.87 6.38
CA PRO A 402 9.56 17.85 6.99
C PRO A 402 10.66 17.69 5.96
N ARG A 403 11.73 18.43 6.15
CA ARG A 403 12.99 18.41 5.43
C ARG A 403 14.04 17.65 6.21
N PRO A 404 14.84 16.81 5.56
CA PRO A 404 15.84 16.04 6.29
C PRO A 404 17.00 16.93 6.73
N ILE A 405 17.63 16.53 7.83
CA ILE A 405 18.77 17.24 8.39
C ILE A 405 20.00 16.36 8.16
N LEU A 406 20.82 16.76 7.21
CA LEU A 406 21.95 15.95 6.77
C LEU A 406 23.26 16.58 7.23
N PRO A 407 24.30 15.77 7.48
CA PRO A 407 25.58 16.33 7.96
C PRO A 407 26.34 17.03 6.85
N SER A 408 26.69 18.29 7.10
CA SER A 408 27.47 19.08 6.14
C SER A 408 28.92 18.60 6.19
N VAL A 409 29.19 17.55 5.44
CA VAL A 409 30.51 16.91 5.40
C VAL A 409 31.61 17.77 4.80
N PRO A 410 31.44 18.48 3.66
CA PRO A 410 32.59 19.21 3.10
C PRO A 410 33.16 20.30 4.00
N SER A 411 32.34 20.92 4.83
CA SER A 411 32.84 21.95 5.76
C SER A 411 33.11 21.36 7.14
N TRP A 412 33.95 20.32 7.15
CA TRP A 412 34.33 19.64 8.38
C TRP A 412 35.77 19.95 8.74
N LYS A 413 36.08 19.72 10.01
CA LYS A 413 37.42 19.90 10.53
C LYS A 413 37.96 18.53 10.92
N GLU A 414 39.14 18.52 11.54
CA GLU A 414 39.76 17.26 11.91
C GLU A 414 39.00 16.56 13.05
N ALA A 415 38.44 17.35 13.97
CA ALA A 415 37.73 16.77 15.12
C ALA A 415 36.49 16.00 14.67
N GLU A 416 35.78 16.51 13.68
CA GLU A 416 34.60 15.79 13.17
C GLU A 416 34.99 14.49 12.49
N VAL A 417 36.14 14.49 11.82
CA VAL A 417 36.64 13.25 11.21
C VAL A 417 36.98 12.23 12.29
N GLN A 418 37.60 12.70 13.39
CA GLN A 418 37.88 11.80 14.51
C GLN A 418 36.59 11.21 15.07
N THR A 419 35.58 12.06 15.28
CA THR A 419 34.33 11.60 15.88
C THR A 419 33.61 10.61 14.96
N TRP A 420 33.63 10.87 13.65
CA TRP A 420 32.98 9.96 12.71
C TRP A 420 33.72 8.63 12.63
N LEU A 421 35.05 8.66 12.69
CA LEU A 421 35.82 7.43 12.73
C LEU A 421 35.50 6.62 13.98
N GLN A 422 35.29 7.31 15.11
CA GLN A 422 34.84 6.63 16.33
C GLN A 422 33.47 6.01 16.12
N GLN A 423 32.58 6.72 15.41
CA GLN A 423 31.21 6.24 15.25
C GLN A 423 31.15 5.00 14.37
N ILE A 424 31.90 4.98 13.26
CA ILE A 424 31.83 3.84 12.35
C ILE A 424 32.61 2.63 12.82
N GLY A 425 33.28 2.71 13.96
CA GLY A 425 33.98 1.57 14.51
C GLY A 425 35.43 1.42 14.06
N PHE A 426 35.94 2.34 13.25
CA PHE A 426 37.33 2.33 12.82
C PHE A 426 38.19 3.22 13.72
N SER A 427 38.12 3.00 15.03
CA SER A 427 38.83 3.89 15.95
C SER A 427 40.33 3.65 15.94
N LYS A 428 40.76 2.43 15.60
CA LYS A 428 42.18 2.06 15.60
C LYS A 428 43.03 2.94 14.69
N TYR A 429 42.42 3.56 13.68
CA TYR A 429 43.15 4.37 12.72
C TYR A 429 43.07 5.86 12.98
N CYS A 430 42.35 6.28 14.04
CA CYS A 430 42.13 7.71 14.29
C CYS A 430 43.43 8.49 14.38
N GLU A 431 44.39 7.99 15.14
CA GLU A 431 45.67 8.67 15.31
C GLU A 431 46.38 8.86 13.97
N SER A 432 46.28 7.86 13.08
CA SER A 432 46.85 8.01 11.74
C SER A 432 46.19 9.16 11.02
N PHE A 433 44.85 9.21 11.05
CA PHE A 433 44.12 10.32 10.46
C PHE A 433 44.44 11.63 11.17
N ARG A 434 44.85 11.55 12.44
CA ARG A 434 45.24 12.76 13.15
C ARG A 434 46.62 13.22 12.71
N GLU A 435 47.51 12.29 12.37
CA GLU A 435 48.87 12.67 12.02
C GLU A 435 48.91 13.38 10.67
N GLN A 436 48.14 12.87 9.70
CA GLN A 436 48.15 13.40 8.35
C GLN A 436 47.25 14.62 8.17
N GLN A 437 46.49 15.00 9.20
CA GLN A 437 45.59 16.17 9.18
C GLN A 437 44.56 16.07 8.06
N VAL A 438 43.70 15.07 8.17
CA VAL A 438 42.64 14.82 7.19
C VAL A 438 41.36 15.48 7.70
N ASP A 439 40.75 16.29 6.84
CA ASP A 439 39.44 16.89 7.12
C ASP A 439 38.47 16.46 6.03
N GLY A 440 37.27 17.04 6.05
CA GLY A 440 36.19 16.55 5.21
C GLY A 440 36.45 16.68 3.72
N ASP A 441 37.04 17.80 3.30
CA ASP A 441 37.34 18.01 1.89
C ASP A 441 38.37 16.98 1.41
N LEU A 442 39.40 16.72 2.23
CA LEU A 442 40.35 15.68 1.89
C LEU A 442 39.77 14.28 2.07
N LEU A 443 38.76 14.13 2.91
CA LEU A 443 38.18 12.81 3.14
C LEU A 443 37.29 12.38 1.99
N LEU A 444 36.51 13.30 1.43
CA LEU A 444 35.59 12.93 0.36
C LEU A 444 36.32 12.60 -0.93
N ARG A 445 37.56 13.06 -1.10
CA ARG A 445 38.37 12.76 -2.28
C ARG A 445 39.46 11.75 -1.98
N LEU A 446 39.25 10.86 -1.01
CA LEU A 446 40.27 9.91 -0.58
C LEU A 446 40.23 8.65 -1.45
N THR A 447 41.40 8.26 -1.95
CA THR A 447 41.53 7.15 -2.87
C THR A 447 42.12 5.93 -2.17
N GLU A 448 42.19 4.83 -2.91
CA GLU A 448 42.60 3.57 -2.30
C GLU A 448 44.10 3.50 -2.07
N GLU A 449 44.91 4.04 -2.99
CA GLU A 449 46.35 3.97 -2.83
C GLU A 449 46.84 4.85 -1.69
N GLU A 450 46.27 6.05 -1.53
CA GLU A 450 46.62 6.90 -0.40
C GLU A 450 46.12 6.29 0.90
N LEU A 451 45.02 5.54 0.84
CA LEU A 451 44.55 4.83 2.02
C LEU A 451 45.51 3.72 2.41
N GLN A 452 46.09 3.04 1.42
CA GLN A 452 46.95 1.90 1.70
C GLN A 452 48.33 2.35 2.18
N THR A 453 48.94 3.31 1.50
CA THR A 453 50.29 3.73 1.84
C THR A 453 50.31 4.76 2.95
N ASP A 454 49.66 5.91 2.73
CA ASP A 454 49.81 7.03 3.65
C ASP A 454 49.09 6.80 4.97
N LEU A 455 47.98 6.08 4.98
CA LEU A 455 47.22 5.87 6.21
C LEU A 455 47.41 4.48 6.80
N GLY A 456 48.06 3.57 6.08
CA GLY A 456 48.46 2.30 6.66
C GLY A 456 47.42 1.20 6.70
N MET A 457 46.34 1.31 5.93
CA MET A 457 45.38 0.21 5.83
C MET A 457 45.98 -0.84 4.91
N LYS A 458 46.51 -1.91 5.50
CA LYS A 458 47.19 -2.91 4.70
C LYS A 458 46.22 -3.82 3.96
N SER A 459 45.25 -4.38 4.68
CA SER A 459 44.36 -5.38 4.10
C SER A 459 43.43 -4.76 3.06
N GLY A 460 43.01 -5.58 2.10
CA GLY A 460 42.05 -5.13 1.12
C GLY A 460 40.62 -5.19 1.61
N ILE A 461 40.32 -6.14 2.50
CA ILE A 461 38.99 -6.25 3.07
C ILE A 461 38.70 -5.06 3.97
N THR A 462 39.71 -4.61 4.72
CA THR A 462 39.57 -3.42 5.54
C THR A 462 39.26 -2.20 4.67
N ARG A 463 39.92 -2.09 3.53
CA ARG A 463 39.67 -0.95 2.65
C ARG A 463 38.30 -1.05 2.00
N LYS A 464 37.83 -2.27 1.70
CA LYS A 464 36.48 -2.43 1.18
C LYS A 464 35.44 -2.03 2.22
N ARG A 465 35.66 -2.40 3.49
CA ARG A 465 34.75 -1.98 4.54
C ARG A 465 34.74 -0.47 4.70
N PHE A 466 35.93 0.15 4.68
CA PHE A 466 36.01 1.60 4.83
C PHE A 466 35.31 2.30 3.68
N PHE A 467 35.47 1.80 2.45
CA PHE A 467 34.81 2.44 1.33
C PHE A 467 33.30 2.19 1.35
N ARG A 468 32.86 1.09 1.94
CA ARG A 468 31.43 0.87 2.15
C ARG A 468 30.84 1.93 3.06
N GLU A 469 31.45 2.13 4.23
CA GLU A 469 31.00 3.20 5.13
C GLU A 469 31.15 4.57 4.49
N LEU A 470 32.18 4.74 3.65
CA LEU A 470 32.43 6.02 3.01
C LEU A 470 31.32 6.37 2.03
N THR A 471 30.90 5.40 1.21
CA THR A 471 29.82 5.63 0.27
C THR A 471 28.50 5.86 0.99
N GLU A 472 28.26 5.11 2.08
CA GLU A 472 27.03 5.33 2.85
C GLU A 472 26.98 6.74 3.43
N LEU A 473 28.11 7.26 3.89
CA LEU A 473 28.14 8.65 4.33
C LEU A 473 28.01 9.61 3.16
N LYS A 474 28.53 9.24 2.00
CA LYS A 474 28.54 10.13 0.84
C LYS A 474 27.14 10.36 0.29
N THR A 475 26.30 9.32 0.24
CA THR A 475 24.96 9.52 -0.30
C THR A 475 24.09 10.37 0.62
N PHE A 476 24.43 10.46 1.91
CA PHE A 476 23.62 11.14 2.90
C PHE A 476 24.30 12.38 3.45
N ALA A 477 24.91 13.18 2.59
CA ALA A 477 25.59 14.40 3.03
C ALA A 477 24.83 15.62 2.54
N ASN A 478 25.29 16.78 2.97
CA ASN A 478 24.70 18.06 2.60
C ASN A 478 25.74 18.85 1.81
N TYR A 479 25.50 19.02 0.51
CA TYR A 479 26.44 19.65 -0.39
C TYR A 479 26.04 21.07 -0.78
N SER A 480 25.06 21.66 -0.10
CA SER A 480 24.57 22.99 -0.46
C SER A 480 25.63 24.07 -0.26
N THR A 481 26.64 23.82 0.55
CA THR A 481 27.69 24.80 0.77
C THR A 481 28.58 24.99 -0.46
N CYS A 482 28.64 24.01 -1.35
CA CYS A 482 29.51 24.11 -2.52
C CYS A 482 28.76 23.90 -3.82
N ASP A 483 27.67 23.14 -3.78
CA ASP A 483 26.86 22.84 -4.96
C ASP A 483 25.88 23.99 -5.16
N ARG A 484 26.05 24.75 -6.24
CA ARG A 484 25.17 25.87 -6.52
C ARG A 484 24.04 25.49 -7.46
N SER A 485 24.35 24.76 -8.52
CA SER A 485 23.37 24.39 -9.54
C SER A 485 22.52 23.19 -9.16
N ASN A 486 22.64 22.67 -7.94
CA ASN A 486 21.81 21.56 -7.42
C ASN A 486 21.96 20.31 -8.30
N LEU A 487 23.16 19.77 -8.27
CA LEU A 487 23.47 18.55 -9.01
C LEU A 487 23.12 17.29 -8.22
N ALA A 488 22.95 17.41 -6.91
CA ALA A 488 22.66 16.26 -6.07
C ALA A 488 21.28 15.69 -6.37
N ASP A 489 20.27 16.56 -6.52
CA ASP A 489 18.94 16.08 -6.85
C ASP A 489 18.87 15.56 -8.27
N TRP A 490 19.64 16.15 -9.19
CA TRP A 490 19.69 15.62 -10.55
C TRP A 490 20.25 14.21 -10.56
N LEU A 491 21.31 13.96 -9.77
CA LEU A 491 21.86 12.61 -9.72
C LEU A 491 20.94 11.66 -8.98
N GLY A 492 20.29 12.12 -7.92
CA GLY A 492 19.37 11.28 -7.18
C GLY A 492 18.11 10.94 -7.93
N SER A 493 17.75 11.74 -8.94
CA SER A 493 16.57 11.48 -9.74
C SER A 493 16.68 10.15 -10.49
N LEU A 494 17.85 9.88 -11.08
CA LEU A 494 18.06 8.62 -11.79
C LEU A 494 18.05 7.44 -10.82
N ASP A 495 18.72 7.59 -9.69
CA ASP A 495 18.91 6.53 -8.70
C ASP A 495 19.46 7.22 -7.47
N PRO A 496 19.04 6.86 -6.25
CA PRO A 496 19.70 7.43 -5.06
C PRO A 496 21.16 7.06 -4.95
N ARG A 497 21.53 5.85 -5.39
CA ARG A 497 22.91 5.37 -5.34
C ARG A 497 23.87 6.17 -6.22
N PHE A 498 23.36 7.13 -6.98
CA PHE A 498 24.23 7.99 -7.78
C PHE A 498 24.59 9.27 -7.04
N ARG A 499 23.85 9.61 -5.98
CA ARG A 499 24.07 10.85 -5.26
C ARG A 499 25.47 10.93 -4.68
N GLN A 500 26.07 9.77 -4.38
CA GLN A 500 27.43 9.71 -3.86
C GLN A 500 28.46 10.36 -4.77
N TYR A 501 28.17 10.51 -6.06
CA TYR A 501 29.14 11.10 -6.95
C TYR A 501 29.09 12.62 -6.98
N THR A 502 28.06 13.24 -6.37
CA THR A 502 27.82 14.67 -6.60
C THR A 502 28.92 15.57 -6.10
N TYR A 503 29.85 15.07 -5.29
CA TYR A 503 30.97 15.90 -4.87
C TYR A 503 32.02 15.94 -5.96
N GLY A 504 32.42 14.77 -6.46
CA GLY A 504 33.48 14.70 -7.46
C GLY A 504 33.18 15.58 -8.66
N LEU A 505 31.96 15.47 -9.17
CA LEU A 505 31.48 16.32 -10.26
C LEU A 505 31.64 17.80 -9.94
N VAL A 506 31.13 18.26 -8.78
CA VAL A 506 31.23 19.69 -8.49
C VAL A 506 32.65 20.06 -8.12
N SER A 507 33.50 19.07 -7.84
CA SER A 507 34.88 19.40 -7.55
C SER A 507 35.65 19.56 -8.84
N CYS A 508 35.21 18.89 -9.91
CA CYS A 508 35.85 18.98 -11.21
C CYS A 508 35.21 20.03 -12.10
N GLY A 509 34.67 21.09 -11.50
CA GLY A 509 34.01 22.17 -12.24
C GLY A 509 32.98 21.73 -13.24
N LEU A 510 32.19 20.71 -12.89
CA LEU A 510 31.13 20.19 -13.75
C LEU A 510 29.78 20.73 -13.29
N ASP A 511 29.00 21.22 -14.24
CA ASP A 511 27.70 21.80 -14.00
C ASP A 511 26.70 21.16 -14.96
N ARG A 512 25.40 21.30 -14.62
CA ARG A 512 24.31 20.82 -15.47
C ARG A 512 24.48 21.30 -16.90
N SER A 513 24.50 22.63 -17.09
CA SER A 513 24.75 23.23 -18.41
C SER A 513 26.05 22.77 -19.04
N LEU A 514 26.98 22.20 -18.28
CA LEU A 514 28.26 21.74 -18.79
C LEU A 514 28.35 20.21 -18.76
N LEU A 515 27.24 19.53 -18.52
CA LEU A 515 27.28 18.09 -18.26
C LEU A 515 27.15 17.26 -19.53
N HIS A 516 26.49 17.77 -20.57
CA HIS A 516 26.25 16.93 -21.74
C HIS A 516 27.47 16.79 -22.64
N ARG A 517 28.45 17.68 -22.53
CA ARG A 517 29.66 17.60 -23.34
C ARG A 517 30.79 16.94 -22.56
N VAL A 518 30.56 15.71 -22.13
CA VAL A 518 31.56 14.97 -21.37
C VAL A 518 31.86 13.66 -22.09
N SER A 519 33.02 13.09 -21.77
CA SER A 519 33.44 11.81 -22.29
C SER A 519 33.61 10.83 -21.14
N GLU A 520 33.46 9.54 -21.45
CA GLU A 520 33.58 8.50 -20.42
C GLU A 520 34.97 8.47 -19.82
N GLN A 521 35.99 8.82 -20.61
CA GLN A 521 37.36 8.87 -20.09
C GLN A 521 37.50 9.92 -19.00
N GLN A 522 36.85 11.08 -19.19
CA GLN A 522 36.88 12.14 -18.19
C GLN A 522 36.13 11.71 -16.93
N LEU A 523 35.01 11.01 -17.08
CA LEU A 523 34.29 10.51 -15.92
C LEU A 523 35.14 9.50 -15.15
N LEU A 524 35.92 8.69 -15.86
CA LEU A 524 36.74 7.70 -15.20
C LEU A 524 37.91 8.33 -14.45
N GLU A 525 38.66 9.22 -15.12
CA GLU A 525 39.88 9.72 -14.49
C GLU A 525 39.69 10.99 -13.68
N ASP A 526 38.79 11.88 -14.06
CA ASP A 526 38.67 13.13 -13.33
C ASP A 526 37.66 13.05 -12.19
N CYS A 527 36.45 12.55 -12.48
CA CYS A 527 35.40 12.45 -11.47
C CYS A 527 35.47 11.19 -10.65
N GLY A 528 36.34 10.24 -11.02
CA GLY A 528 36.58 9.06 -10.20
C GLY A 528 35.45 8.06 -10.16
N ILE A 529 34.62 8.00 -11.19
CA ILE A 529 33.55 7.01 -11.25
C ILE A 529 34.15 5.72 -11.80
N HIS A 530 34.11 4.66 -11.01
CA HIS A 530 34.82 3.44 -11.36
C HIS A 530 33.95 2.35 -11.96
N LEU A 531 32.67 2.30 -11.63
CA LEU A 531 31.80 1.28 -12.21
C LEU A 531 31.40 1.68 -13.63
N GLY A 532 31.63 0.78 -14.58
CA GLY A 532 31.25 1.05 -15.96
C GLY A 532 29.76 1.18 -16.15
N VAL A 533 28.98 0.45 -15.37
CA VAL A 533 27.52 0.52 -15.46
C VAL A 533 27.03 1.92 -15.07
N HIS A 534 27.53 2.44 -13.96
CA HIS A 534 27.14 3.77 -13.51
C HIS A 534 27.59 4.85 -14.50
N ARG A 535 28.79 4.67 -15.06
CA ARG A 535 29.28 5.61 -16.06
C ARG A 535 28.39 5.62 -17.30
N ALA A 536 28.00 4.42 -17.77
CA ALA A 536 27.14 4.32 -18.94
C ALA A 536 25.77 4.95 -18.68
N ARG A 537 25.20 4.71 -17.49
CA ARG A 537 23.90 5.27 -17.17
C ARG A 537 23.96 6.80 -17.08
N ILE A 538 24.99 7.34 -16.43
CA ILE A 538 25.14 8.78 -16.32
C ILE A 538 25.33 9.39 -17.71
N LEU A 539 26.10 8.73 -18.57
CA LEU A 539 26.34 9.24 -19.92
C LEU A 539 25.07 9.28 -20.74
N THR A 540 24.30 8.18 -20.74
CA THR A 540 23.11 8.13 -21.58
C THR A 540 22.02 9.04 -21.02
N ALA A 541 21.98 9.27 -19.70
CA ALA A 541 21.00 10.19 -19.16
C ALA A 541 21.43 11.64 -19.30
N ALA A 542 22.73 11.90 -19.46
CA ALA A 542 23.24 13.26 -19.57
C ALA A 542 23.18 13.77 -21.00
N ARG A 543 23.63 12.96 -21.97
CA ARG A 543 23.66 13.43 -23.34
C ARG A 543 22.30 13.38 -24.02
N GLU A 544 21.28 12.83 -23.38
CA GLU A 544 19.94 12.87 -23.96
C GLU A 544 19.42 14.31 -23.94
N MET A 545 19.76 15.06 -22.90
CA MET A 545 19.44 16.48 -22.84
C MET A 545 20.66 17.28 -23.33
N LEU A 546 20.85 17.20 -24.66
CA LEU A 546 22.03 17.78 -25.28
C LEU A 546 21.97 19.29 -25.31
N HIS A 547 21.05 19.85 -26.08
CA HIS A 547 20.95 21.31 -26.15
C HIS A 547 19.55 21.74 -25.76
N SER A 548 19.06 21.22 -24.63
CA SER A 548 17.78 21.69 -24.11
C SER A 548 17.79 23.17 -23.76
N PRO A 549 18.83 23.76 -23.13
CA PRO A 549 18.75 25.22 -23.03
C PRO A 549 19.22 25.90 -24.31
N THR B 561 4.54 -20.19 -20.43
CA THR B 561 3.97 -19.97 -21.75
C THR B 561 2.43 -19.99 -21.68
N PRO B 562 1.80 -18.90 -22.12
CA PRO B 562 0.33 -18.87 -22.16
C PRO B 562 -0.21 -19.87 -23.17
N ASP B 563 -1.19 -20.67 -22.73
CA ASP B 563 -1.76 -21.69 -23.59
C ASP B 563 -2.76 -21.09 -24.58
N VAL B 564 -3.65 -20.23 -24.10
CA VAL B 564 -4.69 -19.63 -24.92
C VAL B 564 -4.67 -18.12 -24.74
N PHE B 565 -5.21 -17.42 -25.73
CA PHE B 565 -5.34 -15.98 -25.70
C PHE B 565 -6.79 -15.59 -25.95
N ILE B 566 -7.26 -14.58 -25.23
CA ILE B 566 -8.62 -14.07 -25.37
C ILE B 566 -8.54 -12.61 -25.76
N SER B 567 -9.15 -12.27 -26.90
CA SER B 567 -9.29 -10.89 -27.34
C SER B 567 -10.73 -10.43 -27.14
N TYR B 568 -10.91 -9.12 -27.07
CA TYR B 568 -12.23 -8.59 -26.74
C TYR B 568 -12.32 -7.16 -27.21
N ARG B 569 -13.56 -6.71 -27.45
CA ARG B 569 -13.81 -5.31 -27.70
C ARG B 569 -13.62 -4.54 -26.40
N ARG B 570 -13.03 -3.35 -26.51
CA ARG B 570 -12.65 -2.59 -25.32
C ARG B 570 -13.87 -2.14 -24.52
N ASN B 571 -14.92 -1.68 -25.19
CA ASN B 571 -16.09 -1.20 -24.47
C ASN B 571 -16.96 -2.34 -23.97
N SER B 572 -17.53 -3.11 -24.88
CA SER B 572 -18.42 -4.21 -24.52
C SER B 572 -17.66 -5.52 -24.60
N GLY B 573 -17.96 -6.43 -23.66
CA GLY B 573 -17.24 -7.67 -23.59
C GLY B 573 -16.03 -7.61 -22.68
N SER B 574 -16.16 -6.91 -21.56
CA SER B 574 -15.07 -6.76 -20.59
C SER B 574 -15.26 -7.59 -19.35
N GLN B 575 -16.49 -7.67 -18.81
CA GLN B 575 -16.71 -8.46 -17.61
C GLN B 575 -16.75 -9.95 -17.91
N LEU B 576 -17.36 -10.32 -19.04
CA LEU B 576 -17.43 -11.73 -19.43
C LEU B 576 -16.04 -12.30 -19.68
N ALA B 577 -15.14 -11.48 -20.23
CA ALA B 577 -13.76 -11.92 -20.43
C ALA B 577 -13.07 -12.22 -19.11
N SER B 578 -13.38 -11.42 -18.07
CA SER B 578 -12.77 -11.65 -16.76
C SER B 578 -13.31 -12.94 -16.14
N LEU B 579 -14.62 -13.19 -16.29
CA LEU B 579 -15.17 -14.46 -15.80
C LEU B 579 -14.56 -15.66 -16.52
N LEU B 580 -14.40 -15.55 -17.85
CA LEU B 580 -13.74 -16.63 -18.59
C LEU B 580 -12.31 -16.85 -18.10
N LYS B 581 -11.58 -15.76 -17.87
CA LYS B 581 -10.19 -15.89 -17.43
C LYS B 581 -10.10 -16.50 -16.04
N VAL B 582 -11.00 -16.12 -15.13
CA VAL B 582 -10.92 -16.67 -13.77
C VAL B 582 -11.31 -18.15 -13.77
N HIS B 583 -12.34 -18.54 -14.54
CA HIS B 583 -12.72 -19.94 -14.58
C HIS B 583 -11.66 -20.79 -15.27
N LEU B 584 -11.02 -20.24 -16.30
CA LEU B 584 -10.00 -20.98 -17.03
C LEU B 584 -8.71 -21.08 -16.23
N GLN B 585 -8.40 -20.07 -15.42
CA GLN B 585 -7.27 -20.17 -14.52
C GLN B 585 -7.53 -21.16 -13.39
N LEU B 586 -8.78 -21.20 -12.89
CA LEU B 586 -9.13 -22.26 -11.95
C LEU B 586 -9.02 -23.63 -12.59
N HIS B 587 -9.26 -23.72 -13.89
CA HIS B 587 -9.01 -24.96 -14.61
C HIS B 587 -7.52 -25.18 -14.88
N GLY B 588 -6.69 -24.16 -14.67
CA GLY B 588 -5.26 -24.30 -14.76
C GLY B 588 -4.65 -23.89 -16.07
N PHE B 589 -5.45 -23.69 -17.11
CA PHE B 589 -4.94 -23.31 -18.42
C PHE B 589 -4.30 -21.94 -18.34
N SER B 590 -3.04 -21.85 -18.71
CA SER B 590 -2.31 -20.59 -18.72
C SER B 590 -2.90 -19.68 -19.79
N VAL B 591 -3.71 -18.72 -19.36
CA VAL B 591 -4.46 -17.84 -20.25
C VAL B 591 -3.89 -16.43 -20.12
N PHE B 592 -3.69 -15.78 -21.26
CA PHE B 592 -3.19 -14.42 -21.31
C PHE B 592 -4.29 -13.48 -21.76
N ILE B 593 -4.53 -12.43 -20.98
CA ILE B 593 -5.45 -11.36 -21.36
C ILE B 593 -4.57 -10.20 -21.83
N ASP B 594 -5.15 -9.31 -22.64
CA ASP B 594 -4.38 -8.22 -23.18
C ASP B 594 -5.23 -6.95 -23.11
N VAL B 595 -4.63 -5.87 -22.61
CA VAL B 595 -5.37 -4.65 -22.26
C VAL B 595 -4.71 -3.43 -22.93
N GLU B 596 -5.46 -2.77 -23.82
CA GLU B 596 -5.17 -1.42 -24.32
C GLU B 596 -3.83 -1.31 -25.05
N LYS B 597 -3.65 -2.15 -26.06
CA LYS B 597 -2.51 -2.00 -26.98
C LYS B 597 -2.88 -1.27 -28.27
N LEU B 598 -3.51 -0.11 -28.14
CA LEU B 598 -3.99 0.62 -29.32
C LEU B 598 -2.83 1.23 -30.10
N GLU B 599 -2.03 2.07 -29.45
CA GLU B 599 -0.86 2.66 -30.08
C GLU B 599 0.46 2.07 -29.58
N ALA B 600 0.50 1.61 -28.32
CA ALA B 600 1.72 1.00 -27.80
C ALA B 600 2.02 -0.32 -28.49
N GLY B 601 1.02 -1.21 -28.59
CA GLY B 601 1.20 -2.51 -29.20
C GLY B 601 1.37 -2.50 -30.71
N LYS B 602 1.29 -1.34 -31.35
CA LYS B 602 1.43 -1.23 -32.81
C LYS B 602 2.77 -1.73 -33.32
N PHE B 603 3.80 -1.77 -32.48
CA PHE B 603 5.13 -2.23 -32.85
C PHE B 603 5.26 -3.76 -32.84
N GLU B 604 4.15 -4.48 -32.61
CA GLU B 604 4.12 -5.95 -32.52
C GLU B 604 5.08 -6.48 -31.47
N ASP B 605 5.38 -5.69 -30.44
CA ASP B 605 6.26 -6.14 -29.38
C ASP B 605 5.63 -7.24 -28.53
N LYS B 606 4.30 -7.24 -28.43
CA LYS B 606 3.54 -8.25 -27.70
C LYS B 606 2.58 -9.05 -28.58
N LEU B 607 2.18 -8.51 -29.74
CA LEU B 607 1.16 -9.12 -30.58
C LEU B 607 1.61 -10.48 -31.11
N ILE B 608 2.72 -10.51 -31.83
CA ILE B 608 3.18 -11.76 -32.41
C ILE B 608 3.59 -12.73 -31.30
N GLN B 609 4.09 -12.22 -30.17
CA GLN B 609 4.44 -13.08 -29.05
C GLN B 609 3.20 -13.78 -28.51
N SER B 610 2.10 -13.04 -28.37
CA SER B 610 0.86 -13.64 -27.88
C SER B 610 0.28 -14.62 -28.89
N VAL B 611 0.32 -14.27 -30.19
CA VAL B 611 -0.32 -15.15 -31.17
C VAL B 611 0.58 -16.31 -31.57
N MET B 612 1.82 -16.36 -31.08
CA MET B 612 2.66 -17.53 -31.23
C MET B 612 2.65 -18.41 -29.99
N GLY B 613 2.66 -17.81 -28.80
CA GLY B 613 2.56 -18.60 -27.59
C GLY B 613 1.21 -19.28 -27.43
N ALA B 614 0.14 -18.62 -27.82
CA ALA B 614 -1.20 -19.16 -27.66
C ALA B 614 -1.45 -20.24 -28.71
N ARG B 615 -1.81 -21.43 -28.24
CA ARG B 615 -2.12 -22.54 -29.15
C ARG B 615 -3.57 -22.47 -29.62
N ASN B 616 -4.48 -22.04 -28.76
CA ASN B 616 -5.91 -21.95 -29.07
C ASN B 616 -6.33 -20.50 -28.94
N PHE B 617 -6.62 -19.85 -30.07
CA PHE B 617 -7.09 -18.47 -30.04
C PHE B 617 -8.57 -18.44 -29.71
N VAL B 618 -8.95 -17.58 -28.78
CA VAL B 618 -10.32 -17.50 -28.27
C VAL B 618 -10.89 -16.12 -28.60
N LEU B 619 -12.21 -16.09 -28.86
CA LEU B 619 -12.94 -14.87 -29.17
C LEU B 619 -14.20 -14.78 -28.34
N VAL B 620 -14.46 -13.62 -27.76
CA VAL B 620 -15.72 -13.36 -27.08
C VAL B 620 -16.59 -12.47 -27.97
N LEU B 621 -17.67 -13.04 -28.49
CA LEU B 621 -18.59 -12.30 -29.36
C LEU B 621 -19.75 -11.79 -28.52
N SER B 622 -19.51 -10.68 -27.85
CA SER B 622 -20.54 -9.94 -27.12
C SER B 622 -21.32 -9.14 -28.18
N PRO B 623 -22.41 -8.35 -27.79
CA PRO B 623 -22.88 -7.36 -28.77
C PRO B 623 -21.71 -6.47 -29.20
N GLY B 624 -21.26 -6.70 -30.42
CA GLY B 624 -19.92 -6.30 -30.83
C GLY B 624 -19.86 -4.98 -31.57
N ALA B 625 -18.80 -4.23 -31.28
CA ALA B 625 -18.48 -3.02 -32.04
C ALA B 625 -17.63 -3.40 -33.26
N LEU B 626 -18.26 -4.17 -34.14
CA LEU B 626 -17.64 -4.61 -35.39
C LEU B 626 -17.60 -3.52 -36.43
N ASP B 627 -18.15 -2.33 -36.12
CA ASP B 627 -18.16 -1.20 -37.03
C ASP B 627 -16.75 -0.81 -37.49
N LYS B 628 -15.75 -1.05 -36.64
CA LYS B 628 -14.37 -0.81 -37.03
C LYS B 628 -13.83 -1.92 -37.92
N CYS B 629 -14.40 -3.12 -37.84
CA CYS B 629 -13.97 -4.23 -38.67
C CYS B 629 -14.87 -4.48 -39.87
N MET B 630 -16.14 -4.10 -39.81
CA MET B 630 -17.03 -4.23 -40.95
C MET B 630 -17.20 -2.88 -41.64
N GLN B 631 -17.39 -2.93 -42.96
CA GLN B 631 -17.45 -1.75 -43.84
C GLN B 631 -16.21 -0.87 -43.71
N ASP B 632 -15.06 -1.51 -43.46
CA ASP B 632 -13.76 -0.86 -43.27
C ASP B 632 -12.70 -1.82 -43.81
N HIS B 633 -12.28 -1.58 -45.04
CA HIS B 633 -11.29 -2.41 -45.73
C HIS B 633 -9.87 -2.11 -45.26
N ASP B 634 -9.70 -1.11 -44.40
CA ASP B 634 -8.37 -0.62 -44.03
C ASP B 634 -7.57 -1.68 -43.29
N CYS B 635 -6.29 -1.75 -43.62
CA CYS B 635 -5.36 -2.69 -42.99
C CYS B 635 -4.74 -2.12 -41.73
N LYS B 636 -5.18 -0.93 -41.31
CA LYS B 636 -4.73 -0.32 -40.06
C LYS B 636 -5.73 -0.53 -38.93
N ASP B 637 -6.83 -1.24 -39.19
CA ASP B 637 -7.84 -1.54 -38.18
C ASP B 637 -7.22 -2.50 -37.15
N TRP B 638 -7.12 -2.05 -35.89
CA TRP B 638 -6.36 -2.81 -34.88
C TRP B 638 -7.01 -4.14 -34.56
N VAL B 639 -8.32 -4.14 -34.30
CA VAL B 639 -9.04 -5.37 -34.00
C VAL B 639 -9.02 -6.30 -35.20
N HIS B 640 -9.17 -5.73 -36.40
CA HIS B 640 -9.10 -6.54 -37.61
C HIS B 640 -7.73 -7.17 -37.79
N LYS B 641 -6.65 -6.45 -37.45
CA LYS B 641 -5.32 -7.05 -37.55
C LYS B 641 -5.14 -8.19 -36.56
N GLU B 642 -5.48 -7.94 -35.28
CA GLU B 642 -5.33 -8.98 -34.28
C GLU B 642 -6.28 -10.14 -34.47
N ILE B 643 -7.30 -10.01 -35.32
CA ILE B 643 -8.13 -11.17 -35.67
C ILE B 643 -7.59 -11.90 -36.89
N VAL B 644 -7.18 -11.16 -37.93
CA VAL B 644 -6.68 -11.83 -39.13
C VAL B 644 -5.31 -12.46 -38.93
N THR B 645 -4.54 -12.04 -37.91
CA THR B 645 -3.32 -12.79 -37.64
C THR B 645 -3.64 -14.20 -37.14
N ALA B 646 -4.66 -14.32 -36.29
CA ALA B 646 -5.10 -15.64 -35.83
C ALA B 646 -5.77 -16.42 -36.95
N LEU B 647 -6.42 -15.71 -37.87
CA LEU B 647 -7.01 -16.38 -39.03
C LEU B 647 -5.93 -16.92 -39.96
N SER B 648 -4.87 -16.14 -40.17
CA SER B 648 -3.81 -16.56 -41.08
C SER B 648 -2.97 -17.68 -40.50
N CYS B 649 -2.70 -17.64 -39.19
CA CYS B 649 -1.94 -18.74 -38.58
C CYS B 649 -2.75 -20.03 -38.55
N GLY B 650 -4.07 -19.93 -38.48
CA GLY B 650 -4.92 -21.11 -38.60
C GLY B 650 -4.87 -22.08 -37.45
N LYS B 651 -4.68 -21.58 -36.23
CA LYS B 651 -4.71 -22.44 -35.05
C LYS B 651 -6.16 -22.71 -34.65
N ASN B 652 -6.37 -23.25 -33.47
CA ASN B 652 -7.72 -23.54 -32.98
C ASN B 652 -8.43 -22.23 -32.64
N ILE B 653 -9.51 -21.93 -33.35
CA ILE B 653 -10.25 -20.69 -33.19
C ILE B 653 -11.64 -21.05 -32.68
N VAL B 654 -11.87 -20.88 -31.39
CA VAL B 654 -13.17 -21.14 -30.79
C VAL B 654 -13.73 -19.82 -30.28
N PRO B 655 -14.87 -19.35 -30.79
CA PRO B 655 -15.46 -18.13 -30.27
C PRO B 655 -16.56 -18.40 -29.25
N ILE B 656 -16.84 -17.43 -28.39
CA ILE B 656 -17.96 -17.49 -27.46
C ILE B 656 -18.88 -16.34 -27.78
N ILE B 657 -20.13 -16.65 -28.14
CA ILE B 657 -21.08 -15.64 -28.56
C ILE B 657 -22.06 -15.36 -27.43
N ASP B 658 -22.55 -14.12 -27.37
CA ASP B 658 -23.57 -13.73 -26.40
C ASP B 658 -24.55 -12.81 -27.12
N GLY B 659 -25.54 -13.41 -27.77
CA GLY B 659 -26.58 -12.65 -28.48
C GLY B 659 -26.08 -11.60 -29.43
N PHE B 660 -24.96 -11.86 -30.10
CA PHE B 660 -24.32 -10.85 -30.92
C PHE B 660 -25.09 -10.65 -32.22
N GLU B 661 -24.97 -9.45 -32.78
CA GLU B 661 -25.59 -9.17 -34.07
C GLU B 661 -24.85 -9.93 -35.17
N TRP B 662 -25.54 -10.86 -35.81
CA TRP B 662 -24.90 -11.72 -36.80
C TRP B 662 -24.53 -10.91 -38.04
N PRO B 663 -23.32 -11.08 -38.57
CA PRO B 663 -22.90 -10.30 -39.74
C PRO B 663 -23.40 -10.89 -41.04
N GLU B 664 -23.45 -10.04 -42.05
CA GLU B 664 -23.88 -10.43 -43.38
C GLU B 664 -22.70 -10.92 -44.20
N PRO B 665 -22.88 -11.95 -45.04
CA PRO B 665 -21.78 -12.42 -45.89
C PRO B 665 -21.31 -11.41 -46.92
N GLN B 666 -22.17 -10.46 -47.33
CA GLN B 666 -21.78 -9.46 -48.30
C GLN B 666 -20.71 -8.52 -47.75
N VAL B 667 -20.76 -8.25 -46.45
CA VAL B 667 -19.75 -7.48 -45.78
C VAL B 667 -18.82 -8.49 -45.11
N LEU B 668 -17.65 -8.01 -44.63
CA LEU B 668 -16.53 -8.85 -44.18
C LEU B 668 -16.12 -9.79 -45.31
N PRO B 669 -15.44 -9.31 -46.35
CA PRO B 669 -15.09 -10.16 -47.50
C PRO B 669 -14.26 -11.38 -47.13
N GLU B 670 -14.16 -12.28 -48.11
CA GLU B 670 -13.47 -13.55 -47.92
C GLU B 670 -12.00 -13.36 -47.59
N ASP B 671 -11.37 -12.33 -48.15
CA ASP B 671 -9.99 -12.05 -47.82
C ASP B 671 -9.86 -11.27 -46.53
N MET B 672 -10.92 -10.57 -46.11
CA MET B 672 -10.89 -9.89 -44.82
C MET B 672 -11.13 -10.87 -43.68
N GLN B 673 -12.31 -11.50 -43.64
CA GLN B 673 -12.67 -12.40 -42.54
C GLN B 673 -13.28 -13.68 -43.08
N ALA B 674 -12.82 -14.82 -42.54
CA ALA B 674 -13.36 -16.13 -42.85
C ALA B 674 -13.76 -16.89 -41.59
N VAL B 675 -13.91 -16.19 -40.47
CA VAL B 675 -14.25 -16.83 -39.20
C VAL B 675 -15.68 -17.33 -39.13
N LEU B 676 -16.54 -16.91 -40.06
CA LEU B 676 -17.93 -17.33 -40.09
C LEU B 676 -18.11 -18.82 -40.37
N THR B 677 -17.07 -19.49 -40.85
CA THR B 677 -17.09 -20.93 -41.09
C THR B 677 -17.00 -21.76 -39.82
N PHE B 678 -17.14 -21.15 -38.65
CA PHE B 678 -17.04 -21.85 -37.38
C PHE B 678 -18.32 -21.61 -36.56
N ASN B 679 -18.58 -22.52 -35.64
CA ASN B 679 -19.73 -22.44 -34.74
C ASN B 679 -19.27 -22.13 -33.33
N GLY B 680 -19.69 -20.97 -32.82
CA GLY B 680 -19.30 -20.54 -31.49
C GLY B 680 -20.10 -21.22 -30.40
N ILE B 681 -19.92 -20.73 -29.18
CA ILE B 681 -20.59 -21.27 -28.01
C ILE B 681 -21.36 -20.14 -27.34
N LYS B 682 -22.62 -20.43 -26.97
CA LYS B 682 -23.47 -19.44 -26.32
C LYS B 682 -23.22 -19.46 -24.82
N TRP B 683 -22.99 -18.28 -24.24
CA TRP B 683 -22.75 -18.17 -22.81
C TRP B 683 -24.07 -18.25 -22.05
N SER B 684 -24.00 -18.81 -20.84
CA SER B 684 -25.15 -18.89 -19.95
C SER B 684 -24.91 -18.00 -18.73
N HIS B 685 -26.00 -17.39 -18.24
CA HIS B 685 -25.91 -16.50 -17.09
C HIS B 685 -26.52 -17.08 -15.82
N GLU B 686 -27.49 -17.99 -15.95
CA GLU B 686 -28.08 -18.62 -14.78
C GLU B 686 -27.09 -19.58 -14.13
N TYR B 687 -26.70 -20.62 -14.86
CA TYR B 687 -25.73 -21.60 -14.39
C TYR B 687 -24.58 -21.64 -15.39
N GLN B 688 -23.41 -21.20 -14.95
CA GLN B 688 -22.26 -21.04 -15.83
C GLN B 688 -21.37 -22.27 -15.89
N GLU B 689 -21.38 -23.10 -14.85
CA GLU B 689 -20.46 -24.24 -14.75
C GLU B 689 -20.85 -25.41 -15.64
N ALA B 690 -21.89 -25.26 -16.47
CA ALA B 690 -22.26 -26.28 -17.44
C ALA B 690 -21.60 -26.05 -18.78
N THR B 691 -21.61 -24.81 -19.26
CA THR B 691 -20.97 -24.51 -20.54
C THR B 691 -19.45 -24.52 -20.46
N ILE B 692 -18.87 -24.38 -19.27
CA ILE B 692 -17.41 -24.38 -19.14
C ILE B 692 -16.85 -25.74 -19.56
N GLU B 693 -17.55 -26.82 -19.22
CA GLU B 693 -17.11 -28.14 -19.65
C GLU B 693 -17.24 -28.32 -21.15
N LYS B 694 -18.04 -27.49 -21.82
CA LYS B 694 -18.11 -27.52 -23.28
C LYS B 694 -17.09 -26.58 -23.91
N ILE B 695 -16.55 -25.63 -23.14
CA ILE B 695 -15.47 -24.80 -23.66
C ILE B 695 -14.10 -25.45 -23.39
N ILE B 696 -14.01 -26.36 -22.42
CA ILE B 696 -12.78 -27.14 -22.27
C ILE B 696 -12.65 -28.12 -23.44
N ARG B 697 -13.78 -28.53 -24.01
CA ARG B 697 -13.72 -29.25 -25.27
C ARG B 697 -13.42 -28.26 -26.40
N PHE B 698 -13.11 -28.82 -27.58
CA PHE B 698 -12.77 -28.07 -28.79
C PHE B 698 -11.53 -27.21 -28.63
N LEU B 699 -10.64 -27.56 -27.70
CA LEU B 699 -9.40 -26.80 -27.53
C LEU B 699 -8.25 -27.40 -28.34
N GLN B 700 -7.93 -28.68 -28.09
CA GLN B 700 -6.88 -29.42 -28.80
C GLN B 700 -5.53 -28.71 -28.70
N GLY B 701 -5.10 -28.49 -27.46
CA GLY B 701 -3.84 -27.82 -27.21
C GLY B 701 -2.62 -28.67 -27.56
N MET C 1 20.95 23.79 10.02
CA MET C 1 20.06 24.15 11.11
C MET C 1 20.75 24.03 12.46
N ALA C 2 20.71 25.11 13.25
CA ALA C 2 21.28 25.11 14.59
C ALA C 2 20.38 24.28 15.50
N VAL C 3 20.82 23.08 15.84
CA VAL C 3 20.07 22.17 16.69
C VAL C 3 20.69 22.19 18.07
N GLN C 4 19.85 22.37 19.09
CA GLN C 4 20.31 22.34 20.47
C GLN C 4 19.83 21.06 21.12
N LEU C 5 20.72 20.40 21.87
CA LEU C 5 20.39 19.18 22.57
C LEU C 5 20.57 19.37 24.06
N VAL C 6 19.78 18.64 24.85
CA VAL C 6 19.88 18.68 26.31
C VAL C 6 19.85 17.25 26.85
N GLU C 7 20.69 16.99 27.85
CA GLU C 7 20.77 15.66 28.47
C GLU C 7 20.20 15.71 29.87
N SER C 8 19.67 14.56 30.31
CA SER C 8 19.06 14.46 31.63
C SER C 8 19.24 13.04 32.16
N GLY C 9 19.46 12.94 33.46
CA GLY C 9 19.68 11.68 34.13
C GLY C 9 21.02 11.64 34.83
N GLY C 10 21.51 10.45 35.14
CA GLY C 10 22.83 10.31 35.72
C GLY C 10 22.89 10.39 37.22
N GLY C 11 24.02 10.83 37.76
CA GLY C 11 24.19 10.93 39.19
C GLY C 11 25.03 9.79 39.74
N LEU C 12 24.49 9.09 40.75
CA LEU C 12 25.20 8.01 41.41
C LEU C 12 24.28 6.82 41.54
N VAL C 13 24.77 5.65 41.13
CA VAL C 13 24.00 4.42 41.16
C VAL C 13 24.82 3.39 41.95
N GLN C 14 24.13 2.37 42.49
CA GLN C 14 24.84 1.29 43.15
C GLN C 14 25.39 0.31 42.11
N PRO C 15 26.57 -0.28 42.36
CA PRO C 15 27.17 -1.21 41.38
C PRO C 15 26.30 -2.44 41.14
N GLY C 16 25.75 -2.53 39.93
CA GLY C 16 24.70 -3.48 39.64
C GLY C 16 23.39 -2.77 39.87
N GLY C 17 22.67 -2.49 38.80
CA GLY C 17 21.48 -1.67 38.88
C GLY C 17 21.33 -0.84 37.63
N SER C 18 20.10 -0.44 37.35
CA SER C 18 19.75 0.17 36.08
C SER C 18 19.72 1.70 36.19
N LEU C 19 19.73 2.33 35.02
CA LEU C 19 19.62 3.78 34.89
C LEU C 19 19.15 4.09 33.48
N ARG C 20 18.55 5.26 33.31
CA ARG C 20 18.09 5.72 32.00
C ARG C 20 18.51 7.16 31.79
N LEU C 21 19.21 7.41 30.69
CA LEU C 21 19.61 8.75 30.29
C LEU C 21 18.78 9.18 29.10
N SER C 22 18.51 10.48 29.00
CA SER C 22 17.68 10.99 27.92
C SER C 22 18.30 12.23 27.29
N CYS C 23 18.25 12.29 25.96
CA CYS C 23 18.68 13.47 25.22
C CYS C 23 17.49 13.97 24.42
N ALA C 24 17.17 15.25 24.60
CA ALA C 24 16.03 15.88 23.96
C ALA C 24 16.52 16.94 22.99
N ALA C 25 15.91 16.95 21.81
CA ALA C 25 16.28 17.85 20.72
C ALA C 25 15.27 18.97 20.58
N SER C 26 15.65 19.99 19.83
CA SER C 26 14.80 21.16 19.61
C SER C 26 13.99 21.06 18.32
N VAL C 27 14.26 20.06 17.48
CA VAL C 27 13.48 19.84 16.26
C VAL C 27 12.95 18.41 16.30
N SER C 28 12.23 18.02 15.25
CA SER C 28 11.70 16.68 15.17
C SER C 28 12.84 15.67 15.04
N ILE C 29 12.82 14.64 15.88
CA ILE C 29 13.89 13.65 15.90
C ILE C 29 13.86 12.74 14.69
N SER C 30 12.76 12.74 13.94
CA SER C 30 12.69 11.92 12.73
C SER C 30 13.36 12.57 11.54
N ARG C 31 13.70 13.85 11.62
CA ARG C 31 14.40 14.50 10.50
C ARG C 31 15.89 14.23 10.54
N ILE C 32 16.45 14.01 11.73
CA ILE C 32 17.89 13.89 11.89
C ILE C 32 18.35 12.53 11.39
N TYR C 33 19.44 12.53 10.62
CA TYR C 33 19.92 11.29 10.00
C TYR C 33 20.41 10.30 11.05
N VAL C 34 21.33 10.71 11.92
CA VAL C 34 21.95 9.78 12.85
C VAL C 34 22.03 10.43 14.24
N MET C 35 21.80 9.62 15.26
CA MET C 35 21.91 10.03 16.66
C MET C 35 22.87 9.08 17.35
N ALA C 36 23.55 9.57 18.38
CA ALA C 36 24.53 8.71 19.05
C ALA C 36 24.78 9.19 20.47
N TRP C 37 25.29 8.26 21.27
CA TRP C 37 25.64 8.51 22.66
C TRP C 37 27.10 8.16 22.83
N TYR C 38 27.86 9.13 23.36
CA TYR C 38 29.30 9.05 23.58
C TYR C 38 29.63 9.11 25.06
N ARG C 39 30.82 8.60 25.38
CA ARG C 39 31.31 8.52 26.75
C ARG C 39 32.72 9.11 26.84
N GLN C 40 32.97 9.90 27.88
CA GLN C 40 34.27 10.52 28.13
C GLN C 40 34.74 10.18 29.53
N ALA C 41 35.76 9.34 29.61
CA ALA C 41 36.36 8.97 30.87
C ALA C 41 37.22 10.12 31.39
N PRO C 42 37.57 10.13 32.68
CA PRO C 42 38.45 11.19 33.21
C PRO C 42 39.85 11.08 32.62
N GLY C 43 40.28 12.15 31.96
CA GLY C 43 41.63 12.22 31.44
C GLY C 43 41.93 11.34 30.26
N LYS C 44 40.91 10.95 29.49
CA LYS C 44 41.13 10.15 28.29
C LYS C 44 40.37 10.73 27.11
N GLN C 45 40.36 10.00 26.00
CA GLN C 45 39.63 10.43 24.82
C GLN C 45 38.21 9.86 24.86
N ARG C 46 37.34 10.42 24.02
CA ARG C 46 35.96 9.96 23.99
C ARG C 46 35.89 8.55 23.42
N GLU C 47 34.74 7.92 23.62
CA GLU C 47 34.41 6.63 23.03
C GLU C 47 32.94 6.66 22.65
N VAL C 48 32.58 5.87 21.67
CA VAL C 48 31.18 5.77 21.29
C VAL C 48 30.53 4.68 22.12
N VAL C 49 29.24 4.86 22.42
CA VAL C 49 28.47 3.92 23.21
C VAL C 49 27.29 3.37 22.44
N ALA C 50 26.59 4.21 21.70
CA ALA C 50 25.44 3.71 20.96
C ALA C 50 25.15 4.61 19.77
N VAL C 51 24.70 4.00 18.67
CA VAL C 51 24.36 4.73 17.46
C VAL C 51 22.97 4.28 17.04
N ILE C 52 22.25 5.16 16.36
CA ILE C 52 20.94 4.83 15.79
C ILE C 52 20.72 5.70 14.56
N ARG C 53 20.14 5.12 13.52
CA ARG C 53 19.89 5.82 12.27
C ARG C 53 18.40 6.10 12.13
N TYR C 54 18.03 6.66 10.97
CA TYR C 54 16.65 7.11 10.76
C TYR C 54 15.66 5.97 10.66
N ASP C 55 16.10 4.77 10.29
CA ASP C 55 15.21 3.62 10.21
C ASP C 55 15.32 2.71 11.42
N GLY C 56 15.97 3.16 12.49
CA GLY C 56 16.06 2.38 13.71
C GLY C 56 17.04 1.23 13.67
N THR C 57 18.14 1.37 12.93
CA THR C 57 19.17 0.35 12.88
C THR C 57 20.31 0.78 13.80
N THR C 58 20.53 0.02 14.86
CA THR C 58 21.45 0.39 15.92
C THR C 58 22.72 -0.47 15.86
N ASN C 59 23.80 0.09 16.42
CA ASN C 59 25.09 -0.59 16.49
C ASN C 59 25.75 -0.24 17.81
N TYR C 60 26.23 -1.26 18.51
CA TYR C 60 26.91 -1.07 19.78
C TYR C 60 28.31 -1.66 19.73
N PRO C 61 29.25 -1.12 20.51
CA PRO C 61 30.54 -1.78 20.66
C PRO C 61 30.38 -3.12 21.34
N ASP C 62 31.38 -3.99 21.15
CA ASP C 62 31.31 -5.34 21.69
C ASP C 62 31.35 -5.39 23.21
N SER C 63 31.76 -4.31 23.87
CA SER C 63 31.83 -4.31 25.32
C SER C 63 30.46 -4.13 25.95
N VAL C 64 29.64 -3.23 25.42
CA VAL C 64 28.33 -2.93 26.00
C VAL C 64 27.20 -3.67 25.29
N LYS C 65 27.53 -4.58 24.36
CA LYS C 65 26.51 -5.34 23.67
C LYS C 65 25.79 -6.27 24.63
N GLY C 66 24.50 -6.04 24.82
CA GLY C 66 23.68 -6.86 25.69
C GLY C 66 23.36 -6.22 27.02
N ARG C 67 23.99 -5.10 27.35
CA ARG C 67 23.70 -4.40 28.60
C ARG C 67 23.05 -3.04 28.39
N PHE C 68 23.36 -2.36 27.28
CA PHE C 68 22.82 -1.04 27.02
C PHE C 68 21.82 -1.13 25.87
N THR C 69 20.84 -0.25 25.87
CA THR C 69 19.81 -0.25 24.83
C THR C 69 19.44 1.19 24.49
N ILE C 70 19.50 1.53 23.20
CA ILE C 70 19.18 2.87 22.72
C ILE C 70 17.88 2.79 21.93
N SER C 71 17.03 3.80 22.11
CA SER C 71 15.77 3.85 21.37
C SER C 71 15.28 5.28 21.33
N ARG C 72 14.63 5.65 20.22
CA ARG C 72 14.10 6.98 20.06
C ARG C 72 12.58 6.97 20.21
N ASP C 73 12.04 8.04 20.80
CA ASP C 73 10.62 8.24 20.96
C ASP C 73 10.22 9.51 20.21
N ASN C 74 9.16 9.40 19.41
CA ASN C 74 8.71 10.47 18.54
C ASN C 74 7.54 11.27 19.09
N ALA C 75 6.82 10.75 20.08
CA ALA C 75 5.75 11.53 20.72
C ALA C 75 6.33 12.78 21.37
N LYS C 76 7.18 12.58 22.37
CA LYS C 76 8.09 13.62 22.83
C LYS C 76 9.45 13.26 22.25
N ASN C 77 10.05 14.20 21.50
CA ASN C 77 11.23 13.90 20.72
C ASN C 77 12.41 13.65 21.65
N THR C 78 12.67 12.38 21.98
CA THR C 78 13.73 12.11 22.94
C THR C 78 14.37 10.76 22.65
N VAL C 79 15.70 10.71 22.67
CA VAL C 79 16.41 9.44 22.55
C VAL C 79 16.83 8.99 23.94
N TYR C 80 16.56 7.74 24.26
CA TYR C 80 16.82 7.16 25.57
C TYR C 80 17.91 6.10 25.47
N LEU C 81 18.79 6.09 26.46
CA LEU C 81 19.81 5.07 26.62
C LEU C 81 19.60 4.42 27.97
N GLN C 82 19.30 3.13 27.97
CA GLN C 82 19.01 2.36 29.16
C GLN C 82 20.19 1.46 29.49
N MET C 83 20.69 1.58 30.72
CA MET C 83 21.81 0.78 31.21
C MET C 83 21.26 -0.19 32.25
N ASN C 84 21.51 -1.49 32.05
CA ASN C 84 20.92 -2.50 32.91
C ASN C 84 21.83 -2.96 34.03
N SER C 85 22.97 -3.54 33.68
CA SER C 85 23.94 -4.04 34.66
C SER C 85 25.15 -3.14 34.63
N LEU C 86 25.36 -2.39 35.70
CA LEU C 86 26.44 -1.43 35.75
C LEU C 86 27.66 -2.02 36.46
N LYS C 87 28.83 -1.69 35.94
CA LYS C 87 30.12 -2.11 36.44
C LYS C 87 30.88 -0.90 36.93
N PRO C 88 31.85 -1.07 37.85
CA PRO C 88 32.54 0.10 38.42
C PRO C 88 33.34 0.90 37.42
N GLU C 89 33.66 0.34 36.25
CA GLU C 89 34.40 1.07 35.23
C GLU C 89 33.54 1.96 34.36
N ASP C 90 32.22 1.97 34.54
CA ASP C 90 31.34 2.84 33.75
C ASP C 90 31.08 4.19 34.43
N THR C 91 32.13 4.86 34.92
CA THR C 91 32.00 6.15 35.59
C THR C 91 32.62 7.20 34.67
N ALA C 92 31.79 8.10 34.14
CA ALA C 92 32.28 9.00 33.11
C ALA C 92 31.27 10.11 32.88
N VAL C 93 31.58 10.99 31.93
CA VAL C 93 30.67 12.02 31.48
C VAL C 93 30.07 11.56 30.16
N TYR C 94 28.75 11.52 30.08
CA TYR C 94 28.06 11.02 28.91
C TYR C 94 27.51 12.18 28.09
N TYR C 95 27.52 12.02 26.77
CA TYR C 95 27.05 13.04 25.85
C TYR C 95 26.10 12.40 24.85
N CYS C 96 25.28 13.25 24.23
CA CYS C 96 24.57 12.88 23.01
C CYS C 96 25.13 13.70 21.87
N ASN C 97 24.97 13.16 20.68
CA ASN C 97 25.49 13.75 19.47
C ASN C 97 24.48 13.56 18.35
N ALA C 98 24.20 14.64 17.64
CA ALA C 98 23.33 14.61 16.48
C ALA C 98 24.25 14.79 15.30
N ASN C 99 23.83 14.25 14.16
CA ASN C 99 24.63 14.13 12.92
C ASN C 99 26.05 13.75 13.38
N VAL C 100 27.10 14.49 13.01
CA VAL C 100 28.40 14.24 13.61
C VAL C 100 28.96 15.47 14.33
N GLU C 101 28.44 16.66 14.05
CA GLU C 101 28.99 17.88 14.62
C GLU C 101 28.22 18.39 15.82
N THR C 102 26.89 18.32 15.81
CA THR C 102 26.08 18.86 16.90
C THR C 102 26.35 18.08 18.18
N TRP C 103 26.87 18.77 19.19
CA TRP C 103 27.16 18.13 20.47
C TRP C 103 26.11 18.52 21.50
N GLY C 104 26.18 17.85 22.65
CA GLY C 104 25.29 18.17 23.76
C GLY C 104 26.05 18.82 24.89
N GLN C 105 25.57 18.64 26.12
CA GLN C 105 26.23 19.21 27.30
C GLN C 105 26.92 18.18 28.16
N GLY C 106 26.36 16.98 28.29
CA GLY C 106 26.98 15.90 29.05
C GLY C 106 26.55 15.89 30.50
N THR C 107 26.46 14.70 31.07
CA THR C 107 26.09 14.50 32.47
C THR C 107 27.05 13.51 33.12
N GLN C 108 27.25 13.68 34.42
CA GLN C 108 28.17 12.84 35.17
C GLN C 108 27.46 11.59 35.66
N VAL C 109 28.15 10.45 35.57
CA VAL C 109 27.58 9.18 36.01
C VAL C 109 28.65 8.44 36.80
N THR C 110 28.33 8.11 38.05
CA THR C 110 29.22 7.35 38.92
C THR C 110 28.48 6.15 39.49
N VAL C 111 29.22 5.09 39.78
CA VAL C 111 28.65 3.85 40.30
C VAL C 111 29.44 3.43 41.55
N SER C 112 28.90 3.73 42.72
CA SER C 112 29.51 3.37 43.99
C SER C 112 28.42 3.38 45.07
N SER C 113 28.84 3.33 46.33
CA SER C 113 27.91 3.29 47.44
C SER C 113 28.14 4.45 48.40
O3P NMN D . -18.76 -0.65 13.08
P NMN D . -19.15 -0.40 11.63
O1P NMN D . -18.97 -1.63 10.76
O2P NMN D . -18.50 0.83 11.04
O5R NMN D . -20.73 -0.11 11.64
C5R NMN D . -21.24 0.95 10.80
C4R NMN D . -22.71 0.73 10.53
O4R NMN D . -23.24 1.86 9.79
C3R NMN D . -23.02 -0.51 9.67
O3R NMN D . -24.10 -1.22 10.25
C2R NMN D . -23.27 0.12 8.29
O2R NMN D . -24.07 -0.76 7.50
C1R NMN D . -23.97 1.41 8.67
N1 NMN D . -23.82 2.43 7.60
C2 NMN D . -22.68 3.18 7.55
C3 NMN D . -22.53 4.16 6.57
C7 NMN D . -21.27 4.98 6.56
O7 NMN D . -20.40 4.79 7.42
N7 NMN D . -21.13 5.88 5.60
C4 NMN D . -23.54 4.35 5.65
C5 NMN D . -24.68 3.58 5.70
C6 NMN D . -24.80 2.63 6.69
#